data_3FAQ
#
_entry.id   3FAQ
#
_cell.length_a   54.453
_cell.length_b   80.665
_cell.length_c   77.796
_cell.angle_alpha   90.00
_cell.angle_beta   102.87
_cell.angle_gamma   90.00
#
_symmetry.space_group_name_H-M   'P 1 21 1'
#
loop_
_entity.id
_entity.type
_entity.pdbx_description
1 polymer Lactoperoxidase
2 branched 2-acetamido-2-deoxy-beta-D-glucopyranose-(1-4)-2-acetamido-2-deoxy-beta-D-glucopyranose
3 branched alpha-D-mannopyranose-(1-4)-2-acetamido-2-deoxy-beta-D-glucopyranose-(1-4)-2-acetamido-2-deoxy-beta-D-glucopyranose
4 branched alpha-D-mannopyranose-(1-4)-beta-D-mannopyranose-(1-4)-2-acetamido-2-deoxy-beta-D-glucopyranose-(1-4)-2-acetamido-2-deoxy-beta-D-glucopyranose
5 non-polymer 'PROTOPORPHYRIN IX CONTAINING FE'
6 non-polymer 'THIOCYANATE ION'
7 non-polymer 'CALCIUM ION'
8 non-polymer 'CYANIDE ION'
9 non-polymer 'IODIDE ION'
10 water water
#
_entity_poly.entity_id   1
_entity_poly.type   'polypeptide(L)'
_entity_poly.pdbx_seq_one_letter_code
;SWEVGCGAPVPLVKCDENSPYRTITGDCNNRRSPALGAANRALARWLPAEYEDGLALPFGWTQRKTRNGFRVPLAREVSN
KIVGYLDEEGVLDQNRSLLFMQWGQIVDHDLDFAPETELGSNEHSKTQCEEYCIQGDNCFPIMFPKNDPKLKTQGKCMPF
FRAGFVCPTPPYQSLAREQINAVTSFLDASLVYGSEP(SEP)LASRLRNLSSPLGLMAVNQEAWDHGLAYLPFNNKKPSP
CEFINTTARVPCFLAGDFRASEQILLATAHTLLLREHNRLARELKKLNPHWNGEKLYQEARKILGAFIQIITFRDYLPIV
LGSEMQKWIPPYQGYNNSVDPRISNVFTFAFRFGHMEVPSTVSRLDENYQPWGPEAELPLHTLFFNTWRIIKDGGIDPLT
RGLLAKKSKLMNQDKMVTSELRNKLFQPTHKIHGFDLAAINLQRCRDHGMPGYNSWRGFCGLSQPKTLKGLQTVLKNKIL
AKKLMDLYKTPDNIDIWIGGNAEPMVERGRVGPLLACLLGRQFQQIRDGDRFWWENPGVFTEKQRDSLQKFSFSRLICDN
THITKVPLHAFQANNYPHDFVDCSTVDKLDLSPWASREN
;
_entity_poly.pdbx_strand_id   A
#
loop_
_chem_comp.id
_chem_comp.type
_chem_comp.name
_chem_comp.formula
BMA D-saccharide, beta linking beta-D-mannopyranose 'C6 H12 O6'
CA non-polymer 'CALCIUM ION' 'Ca 2'
CYN non-polymer 'CYANIDE ION' 'C N -1'
HEM non-polymer 'PROTOPORPHYRIN IX CONTAINING FE' 'C34 H32 Fe N4 O4'
IOD non-polymer 'IODIDE ION' 'I -1'
MAN D-saccharide, alpha linking alpha-D-mannopyranose 'C6 H12 O6'
NAG D-saccharide, beta linking 2-acetamido-2-deoxy-beta-D-glucopyranose 'C8 H15 N O6'
SCN non-polymer 'THIOCYANATE ION' 'C N S -1'
#
# COMPACT_ATOMS: atom_id res chain seq x y z
N SER A 1 9.21 -4.17 -35.82
CA SER A 1 8.71 -5.24 -34.89
C SER A 1 9.65 -5.42 -33.69
N TRP A 2 9.59 -4.45 -32.78
CA TRP A 2 10.45 -4.41 -31.58
C TRP A 2 10.75 -5.67 -30.77
N GLU A 3 11.84 -5.57 -30.00
CA GLU A 3 12.32 -6.62 -29.11
C GLU A 3 11.21 -6.98 -28.13
N VAL A 4 11.22 -8.22 -27.64
CA VAL A 4 10.20 -8.67 -26.71
C VAL A 4 10.77 -9.17 -25.38
N GLY A 5 11.96 -8.66 -25.01
CA GLY A 5 12.58 -9.06 -23.76
C GLY A 5 13.85 -8.28 -23.39
N CYS A 6 13.67 -7.12 -22.76
CA CYS A 6 14.66 -6.19 -22.27
C CYS A 6 14.65 -6.18 -20.75
N GLY A 7 15.63 -5.50 -20.11
CA GLY A 7 15.59 -5.32 -18.63
C GLY A 7 16.89 -5.30 -17.79
N ALA A 8 16.63 -4.94 -16.53
CA ALA A 8 17.56 -4.82 -15.43
C ALA A 8 17.05 -5.63 -14.17
N PRO A 9 16.50 -6.84 -14.33
CA PRO A 9 16.03 -7.67 -13.14
C PRO A 9 16.99 -8.08 -12.07
N VAL A 10 16.48 -9.01 -11.24
CA VAL A 10 17.24 -9.75 -10.25
C VAL A 10 17.72 -10.98 -11.07
N PRO A 11 19.03 -11.08 -11.26
CA PRO A 11 19.77 -12.11 -12.02
C PRO A 11 19.53 -13.60 -11.77
N LEU A 12 20.64 -14.30 -11.56
CA LEU A 12 20.68 -15.76 -11.37
C LEU A 12 19.34 -16.41 -10.90
N VAL A 13 18.42 -16.61 -11.93
CA VAL A 13 17.05 -17.18 -11.73
C VAL A 13 16.86 -18.74 -11.46
N LYS A 14 17.22 -19.79 -12.32
CA LYS A 14 17.09 -21.29 -12.06
C LYS A 14 15.92 -21.87 -11.17
N CYS A 15 14.73 -22.16 -11.73
CA CYS A 15 13.51 -22.61 -11.04
C CYS A 15 13.55 -24.08 -10.55
N ASP A 16 13.01 -24.33 -9.36
CA ASP A 16 12.99 -25.65 -8.74
C ASP A 16 11.83 -26.56 -9.17
N GLU A 17 10.69 -25.98 -9.61
CA GLU A 17 9.54 -26.76 -10.11
C GLU A 17 9.17 -27.96 -9.24
N ASN A 18 9.40 -27.88 -7.97
CA ASN A 18 9.09 -29.02 -7.11
C ASN A 18 9.04 -28.52 -5.65
N SER A 19 9.57 -27.31 -5.46
CA SER A 19 9.56 -26.73 -4.18
C SER A 19 8.09 -26.50 -3.81
N PRO A 20 7.73 -26.78 -2.57
CA PRO A 20 6.38 -26.50 -2.10
C PRO A 20 6.35 -25.07 -1.55
N TYR A 21 7.45 -24.34 -1.76
CA TYR A 21 7.56 -22.99 -1.25
C TYR A 21 7.82 -21.93 -2.32
N ARG A 22 7.24 -20.73 -2.13
CA ARG A 22 7.42 -19.63 -3.06
C ARG A 22 8.88 -19.17 -3.00
N THR A 23 9.36 -18.54 -4.05
CA THR A 23 10.72 -18.02 -4.02
C THR A 23 10.53 -16.64 -3.41
N ILE A 24 11.62 -15.92 -3.19
CA ILE A 24 11.51 -14.59 -2.61
C ILE A 24 11.22 -13.54 -3.68
N THR A 25 11.88 -13.67 -4.83
CA THR A 25 11.70 -12.72 -5.92
C THR A 25 10.35 -12.81 -6.64
N GLY A 26 9.55 -13.83 -6.34
CA GLY A 26 8.28 -13.95 -7.02
C GLY A 26 8.49 -14.75 -8.29
N ASP A 27 9.76 -15.03 -8.57
CA ASP A 27 10.14 -15.82 -9.74
C ASP A 27 9.67 -17.26 -9.58
N CYS A 28 9.45 -17.91 -10.72
CA CYS A 28 9.04 -19.32 -10.78
C CYS A 28 7.62 -19.68 -10.39
N ASN A 29 6.78 -18.69 -10.10
CA ASN A 29 5.40 -19.01 -9.75
C ASN A 29 4.81 -19.73 -10.96
N ASN A 30 4.69 -18.99 -12.06
CA ASN A 30 4.18 -19.50 -13.34
C ASN A 30 5.28 -20.36 -13.97
N ARG A 31 4.96 -21.63 -14.15
CA ARG A 31 5.87 -22.63 -14.69
C ARG A 31 6.28 -22.46 -16.14
N ARG A 32 5.47 -21.75 -16.89
CA ARG A 32 5.68 -21.59 -18.33
C ARG A 32 6.35 -20.31 -18.77
N SER A 33 6.25 -19.30 -17.92
CA SER A 33 6.80 -17.99 -18.14
C SER A 33 7.14 -17.60 -16.69
N PRO A 34 8.27 -18.11 -16.17
CA PRO A 34 8.83 -17.91 -14.80
C PRO A 34 9.03 -16.49 -14.23
N ALA A 35 9.11 -15.49 -15.09
CA ALA A 35 9.30 -14.14 -14.57
C ALA A 35 7.99 -13.40 -14.38
N LEU A 36 6.90 -13.96 -14.89
CA LEU A 36 5.57 -13.31 -14.77
C LEU A 36 5.21 -13.17 -13.32
N GLY A 37 5.09 -11.92 -12.85
CA GLY A 37 4.71 -11.64 -11.46
C GLY A 37 5.90 -11.31 -10.53
N ALA A 38 7.15 -11.65 -10.94
CA ALA A 38 8.34 -11.40 -10.13
C ALA A 38 8.58 -9.92 -9.88
N ALA A 39 9.40 -9.67 -8.86
CA ALA A 39 9.77 -8.32 -8.46
C ALA A 39 10.78 -7.76 -9.44
N ASN A 40 10.83 -6.43 -9.53
CA ASN A 40 11.76 -5.70 -10.42
C ASN A 40 11.52 -5.75 -11.91
N ARG A 41 10.29 -5.99 -12.31
CA ARG A 41 9.95 -6.02 -13.72
C ARG A 41 9.09 -4.81 -14.01
N ALA A 42 8.75 -4.59 -15.26
CA ALA A 42 7.92 -3.48 -15.60
C ALA A 42 6.54 -3.82 -15.05
N LEU A 43 5.79 -2.81 -14.62
CA LEU A 43 4.44 -3.06 -14.16
C LEU A 43 3.73 -3.40 -15.47
N ALA A 44 2.54 -3.97 -15.40
CA ALA A 44 1.84 -4.31 -16.63
C ALA A 44 1.09 -3.10 -17.21
N ARG A 45 0.71 -3.17 -18.48
CA ARG A 45 -0.01 -2.10 -19.16
C ARG A 45 -1.31 -2.58 -19.76
N TRP A 46 -2.42 -2.31 -19.10
CA TRP A 46 -3.72 -2.72 -19.62
C TRP A 46 -4.14 -1.91 -20.86
N LEU A 47 -3.57 -0.71 -21.01
CA LEU A 47 -3.82 0.16 -22.15
C LEU A 47 -2.49 0.82 -22.45
N PRO A 48 -2.31 1.30 -23.69
CA PRO A 48 -1.06 1.96 -24.08
C PRO A 48 -0.75 3.22 -23.27
N ALA A 49 0.53 3.41 -22.95
CA ALA A 49 0.93 4.59 -22.18
C ALA A 49 0.64 5.84 -22.97
N GLU A 50 0.35 6.92 -22.25
CA GLU A 50 0.08 8.19 -22.89
C GLU A 50 1.04 9.22 -22.35
N TYR A 51 2.03 9.55 -23.16
CA TYR A 51 3.06 10.53 -22.83
C TYR A 51 3.03 11.70 -23.83
N GLU A 52 3.62 12.81 -23.43
CA GLU A 52 3.70 14.01 -24.25
C GLU A 52 4.31 13.70 -25.62
N ASP A 53 5.53 13.19 -25.63
CA ASP A 53 6.19 12.86 -26.88
C ASP A 53 5.84 11.43 -27.27
N GLY A 54 4.79 10.91 -26.66
CA GLY A 54 4.34 9.57 -26.94
C GLY A 54 5.32 8.49 -26.52
N LEU A 55 6.38 8.89 -25.81
CA LEU A 55 7.38 7.92 -25.38
C LEU A 55 7.78 7.99 -23.91
N ALA A 56 8.04 9.19 -23.39
CA ALA A 56 8.46 9.29 -22.01
C ALA A 56 8.15 10.59 -21.26
N LEU A 57 8.14 11.71 -21.96
CA LEU A 57 7.86 12.98 -21.30
C LEU A 57 6.40 13.08 -20.87
N PRO A 58 6.16 13.21 -19.55
CA PRO A 58 4.80 13.31 -19.00
C PRO A 58 4.03 14.52 -19.52
N PHE A 59 2.72 14.55 -19.26
CA PHE A 59 1.93 15.69 -19.67
C PHE A 59 2.19 16.80 -18.64
N GLY A 60 2.18 18.04 -19.10
CA GLY A 60 2.42 19.17 -18.22
C GLY A 60 3.88 19.60 -18.26
N TRP A 61 4.72 18.72 -18.78
CA TRP A 61 6.14 18.98 -18.90
C TRP A 61 6.47 20.18 -19.80
N THR A 62 6.06 20.12 -21.06
CA THR A 62 6.31 21.21 -22.00
C THR A 62 5.11 22.17 -22.07
N GLN A 63 5.29 23.37 -21.52
CA GLN A 63 4.24 24.41 -21.45
C GLN A 63 3.36 24.63 -22.68
N ARG A 64 4.00 24.80 -23.84
CA ARG A 64 3.27 25.05 -25.07
C ARG A 64 2.50 23.84 -25.65
N LYS A 65 2.68 22.66 -25.05
CA LYS A 65 2.01 21.45 -25.53
C LYS A 65 0.77 21.06 -24.70
N THR A 66 -0.37 21.01 -25.38
CA THR A 66 -1.65 20.68 -24.77
C THR A 66 -1.96 19.19 -24.81
N ARG A 67 -2.95 18.81 -24.00
CA ARG A 67 -3.45 17.44 -23.96
C ARG A 67 -4.84 17.61 -24.54
N ASN A 68 -5.01 17.25 -25.81
CA ASN A 68 -6.29 17.39 -26.50
C ASN A 68 -6.69 18.85 -26.72
N GLY A 69 -5.70 19.71 -26.93
CA GLY A 69 -5.99 21.11 -27.17
C GLY A 69 -6.05 22.00 -25.94
N PHE A 70 -5.98 21.41 -24.76
CA PHE A 70 -6.04 22.19 -23.54
C PHE A 70 -4.81 21.99 -22.68
N ARG A 71 -4.54 22.97 -21.83
CA ARG A 71 -3.41 22.91 -20.92
C ARG A 71 -3.85 22.07 -19.73
N VAL A 72 -2.98 21.17 -19.28
CA VAL A 72 -3.31 20.35 -18.12
C VAL A 72 -3.11 21.24 -16.92
N PRO A 73 -4.11 21.26 -16.02
CA PRO A 73 -4.11 22.06 -14.80
C PRO A 73 -3.02 21.64 -13.82
N LEU A 74 -2.43 22.61 -13.13
CA LEU A 74 -1.37 22.32 -12.16
C LEU A 74 -1.89 21.32 -11.13
N ALA A 75 -1.05 20.35 -10.78
CA ALA A 75 -1.42 19.35 -9.79
C ALA A 75 -1.89 20.00 -8.49
N ARG A 76 -1.05 20.88 -7.94
CA ARG A 76 -1.35 21.57 -6.68
C ARG A 76 -2.61 22.44 -6.73
N GLU A 77 -3.00 22.89 -7.92
CA GLU A 77 -4.22 23.69 -8.04
C GLU A 77 -5.42 22.76 -8.06
N VAL A 78 -5.27 21.58 -8.66
CA VAL A 78 -6.37 20.62 -8.67
C VAL A 78 -6.54 20.26 -7.21
N SER A 79 -5.42 20.25 -6.49
CA SER A 79 -5.42 19.93 -5.07
C SER A 79 -6.13 20.99 -4.23
N ASN A 80 -5.72 22.24 -4.40
CA ASN A 80 -6.30 23.36 -3.64
C ASN A 80 -7.77 23.65 -3.96
N LYS A 81 -8.15 23.54 -5.23
CA LYS A 81 -9.53 23.85 -5.64
C LYS A 81 -10.56 22.76 -5.38
N ILE A 82 -10.15 21.51 -5.49
CA ILE A 82 -11.07 20.40 -5.35
C ILE A 82 -10.90 19.45 -4.16
N VAL A 83 -9.66 19.04 -3.90
CA VAL A 83 -9.35 18.07 -2.84
C VAL A 83 -9.29 18.47 -1.37
N GLY A 84 -8.98 19.72 -1.06
CA GLY A 84 -8.90 20.11 0.34
C GLY A 84 -10.16 20.64 1.00
N TYR A 85 -10.17 20.62 2.33
CA TYR A 85 -11.29 21.12 3.14
C TYR A 85 -10.78 21.52 4.55
N LEU A 86 -11.58 22.31 5.26
CA LEU A 86 -11.17 22.75 6.60
C LEU A 86 -11.86 22.02 7.74
N ASP A 87 -13.17 21.86 7.63
CA ASP A 87 -13.97 21.24 8.67
C ASP A 87 -13.83 19.71 8.77
N GLU A 88 -13.10 19.27 9.79
CA GLU A 88 -12.85 17.84 10.02
C GLU A 88 -14.02 17.18 10.75
N GLU A 89 -15.01 17.98 11.14
CA GLU A 89 -16.15 17.46 11.87
C GLU A 89 -17.15 16.77 10.98
N GLY A 90 -17.54 15.56 11.38
CA GLY A 90 -18.52 14.77 10.65
C GLY A 90 -17.89 13.94 9.55
N VAL A 91 -16.57 13.98 9.49
CA VAL A 91 -15.81 13.30 8.46
C VAL A 91 -15.64 11.79 8.59
N LEU A 92 -15.83 11.26 9.79
CA LEU A 92 -15.67 9.83 10.07
C LEU A 92 -16.69 8.86 9.49
N ASP A 93 -16.20 7.66 9.18
CA ASP A 93 -17.01 6.57 8.63
C ASP A 93 -17.72 5.82 9.77
N GLN A 94 -19.04 5.96 9.82
CA GLN A 94 -19.83 5.32 10.86
C GLN A 94 -19.80 3.80 10.91
N ASN A 95 -19.25 3.14 9.89
CA ASN A 95 -19.20 1.68 9.93
C ASN A 95 -17.95 1.08 9.31
N ARG A 96 -16.81 1.69 9.63
CA ARG A 96 -15.50 1.22 9.17
C ARG A 96 -14.47 1.66 10.22
N SER A 97 -13.85 0.70 10.88
CA SER A 97 -12.86 0.97 11.91
C SER A 97 -11.61 1.54 11.28
N LEU A 98 -10.71 2.06 12.11
CA LEU A 98 -9.46 2.62 11.63
C LEU A 98 -8.62 1.49 11.00
N LEU A 99 -8.98 0.23 11.28
CA LEU A 99 -8.25 -0.89 10.72
C LEU A 99 -8.62 -1.08 9.26
N PHE A 100 -9.81 -0.63 8.88
CA PHE A 100 -10.23 -0.75 7.49
C PHE A 100 -9.21 -0.05 6.60
N MET A 101 -8.81 1.16 6.97
CA MET A 101 -7.84 1.96 6.21
C MET A 101 -6.42 1.37 6.21
N GLN A 102 -5.94 1.01 7.40
CA GLN A 102 -4.59 0.48 7.58
C GLN A 102 -4.27 -0.84 6.89
N TRP A 103 -5.25 -1.75 6.81
CA TRP A 103 -5.03 -3.04 6.17
C TRP A 103 -4.90 -2.86 4.66
N GLY A 104 -5.59 -1.85 4.15
CA GLY A 104 -5.52 -1.59 2.72
C GLY A 104 -4.09 -1.22 2.38
N GLN A 105 -3.49 -0.39 3.23
CA GLN A 105 -2.13 0.05 3.01
C GLN A 105 -1.08 -1.10 3.04
N ILE A 106 -1.36 -2.22 3.72
CA ILE A 106 -0.42 -3.33 3.73
C ILE A 106 -0.52 -4.11 2.44
N VAL A 107 -1.73 -4.61 2.19
CA VAL A 107 -2.02 -5.35 0.98
C VAL A 107 -1.32 -4.62 -0.14
N ASP A 108 -1.60 -3.31 -0.17
CA ASP A 108 -1.05 -2.45 -1.22
C ASP A 108 0.45 -2.58 -1.33
N HIS A 109 1.14 -2.42 -0.21
CA HIS A 109 2.59 -2.52 -0.14
C HIS A 109 3.04 -3.93 -0.36
N ASP A 110 2.09 -4.84 -0.25
CA ASP A 110 2.43 -6.20 -0.49
C ASP A 110 2.52 -6.30 -2.01
N LEU A 111 1.58 -5.67 -2.70
CA LEU A 111 1.48 -5.74 -4.15
C LEU A 111 2.38 -4.89 -5.07
N ASP A 112 2.55 -3.61 -4.71
CA ASP A 112 3.25 -2.71 -5.64
C ASP A 112 4.16 -1.60 -5.00
N PHE A 113 5.30 -1.21 -5.66
CA PHE A 113 6.25 -0.19 -5.23
C PHE A 113 6.93 0.38 -6.49
N ALA A 114 6.84 1.69 -6.74
CA ALA A 114 7.51 2.27 -7.89
C ALA A 114 8.56 3.26 -7.38
N PRO A 115 9.74 2.74 -6.98
CA PRO A 115 10.87 3.52 -6.46
C PRO A 115 11.17 4.75 -7.31
N GLU A 116 11.67 5.81 -6.70
CA GLU A 116 11.99 7.00 -7.46
C GLU A 116 13.33 6.82 -8.14
N THR A 117 13.70 7.81 -8.96
CA THR A 117 14.96 7.74 -9.68
C THR A 117 16.16 7.54 -8.74
N GLU A 118 17.21 6.88 -9.21
CA GLU A 118 18.38 6.61 -8.35
C GLU A 118 19.77 6.67 -8.99
N LEU A 119 20.21 7.86 -9.36
CA LEU A 119 21.54 8.06 -9.91
C LEU A 119 22.08 9.13 -8.99
N GLY A 120 21.48 9.20 -7.80
CA GLY A 120 21.89 10.22 -6.86
C GLY A 120 22.14 10.02 -5.38
N SER A 121 23.29 9.45 -5.06
CA SER A 121 23.74 9.28 -3.68
C SER A 121 25.11 9.92 -3.91
N ASN A 122 25.48 11.05 -3.22
CA ASN A 122 26.69 11.95 -3.56
C ASN A 122 26.04 12.74 -4.64
N GLU A 123 25.06 13.58 -4.28
CA GLU A 123 24.31 14.31 -5.31
C GLU A 123 24.21 15.79 -5.14
N HIS A 124 24.11 16.43 -6.29
CA HIS A 124 23.95 17.87 -6.41
C HIS A 124 22.65 18.05 -7.22
N SER A 125 22.07 16.91 -7.62
CA SER A 125 20.84 16.87 -8.40
C SER A 125 19.63 16.91 -7.46
N LYS A 126 19.86 16.52 -6.21
CA LYS A 126 18.80 16.51 -5.22
C LYS A 126 18.58 17.94 -4.72
N THR A 127 19.60 18.78 -4.93
CA THR A 127 19.56 20.19 -4.53
C THR A 127 19.32 21.04 -5.77
N GLN A 128 19.78 20.56 -6.91
CA GLN A 128 19.56 21.27 -8.16
C GLN A 128 18.04 21.37 -8.37
N CYS A 129 17.35 20.38 -7.80
CA CYS A 129 15.89 20.27 -7.89
C CYS A 129 15.16 20.91 -6.71
N GLU A 130 15.68 20.66 -5.52
CA GLU A 130 15.14 21.19 -4.26
C GLU A 130 15.11 22.72 -4.19
N GLU A 131 16.25 23.32 -4.49
CA GLU A 131 16.47 24.76 -4.39
C GLU A 131 15.96 25.71 -5.48
N TYR A 132 16.36 25.49 -6.72
CA TYR A 132 15.95 26.40 -7.79
C TYR A 132 14.81 25.92 -8.67
N CYS A 133 14.07 24.93 -8.19
CA CYS A 133 12.94 24.31 -8.94
C CYS A 133 13.17 24.23 -10.45
N ILE A 134 14.36 23.90 -10.87
CA ILE A 134 14.52 23.79 -12.30
C ILE A 134 14.13 22.41 -12.79
N GLN A 135 13.05 22.32 -13.56
CA GLN A 135 12.63 21.04 -14.10
C GLN A 135 13.60 20.60 -15.18
N GLY A 136 13.98 19.34 -15.11
CA GLY A 136 14.92 18.82 -16.09
C GLY A 136 15.30 17.42 -15.69
N ASP A 137 15.59 16.60 -16.69
CA ASP A 137 15.94 15.23 -16.45
C ASP A 137 14.91 14.60 -15.52
N ASN A 138 15.34 14.03 -14.41
CA ASN A 138 14.38 13.40 -13.52
C ASN A 138 13.82 14.27 -12.41
N CYS A 139 13.80 15.58 -12.64
CA CYS A 139 13.25 16.54 -11.68
C CYS A 139 11.98 17.06 -12.36
N PHE A 140 10.84 16.77 -11.74
CA PHE A 140 9.54 17.16 -12.28
C PHE A 140 8.76 17.83 -11.15
N PRO A 141 9.18 19.06 -10.79
CA PRO A 141 8.63 19.93 -9.74
C PRO A 141 7.15 20.20 -9.80
N ILE A 142 6.54 20.29 -8.63
CA ILE A 142 5.13 20.61 -8.53
C ILE A 142 5.14 22.10 -8.23
N MET A 143 4.95 22.91 -9.27
CA MET A 143 4.94 24.34 -9.11
C MET A 143 3.74 24.71 -8.28
N PHE A 144 3.85 25.83 -7.57
CA PHE A 144 2.78 26.32 -6.74
C PHE A 144 1.98 27.31 -7.54
N PRO A 145 0.65 27.20 -7.52
CA PRO A 145 -0.15 28.15 -8.28
C PRO A 145 -0.17 29.48 -7.52
N LYS A 146 -0.65 30.53 -8.17
CA LYS A 146 -0.75 31.85 -7.55
C LYS A 146 -1.81 31.77 -6.45
N ASN A 147 -1.55 32.44 -5.32
CA ASN A 147 -2.48 32.44 -4.19
C ASN A 147 -2.41 31.21 -3.29
N ASP A 148 -1.31 30.47 -3.40
CA ASP A 148 -1.11 29.30 -2.57
C ASP A 148 -0.36 29.81 -1.35
N PRO A 149 -0.93 29.63 -0.15
CA PRO A 149 -0.23 30.12 1.03
C PRO A 149 1.22 29.62 1.08
N LYS A 150 1.50 28.47 0.48
CA LYS A 150 2.85 27.92 0.51
C LYS A 150 3.93 28.71 -0.22
N LEU A 151 3.54 29.60 -1.12
CA LEU A 151 4.52 30.42 -1.82
C LEU A 151 5.16 31.34 -0.77
N LYS A 152 4.30 31.90 0.08
CA LYS A 152 4.71 32.83 1.13
C LYS A 152 5.66 32.24 2.18
N THR A 153 5.57 30.95 2.45
CA THR A 153 6.45 30.37 3.48
C THR A 153 7.31 29.17 3.12
N GLN A 154 7.03 28.50 2.01
CA GLN A 154 7.82 27.33 1.64
C GLN A 154 8.76 27.55 0.43
N GLY A 155 8.27 28.19 -0.62
CA GLY A 155 9.10 28.41 -1.78
C GLY A 155 8.28 28.53 -3.04
N LYS A 156 8.86 28.12 -4.17
CA LYS A 156 8.16 28.20 -5.43
C LYS A 156 7.64 26.84 -5.86
N CYS A 157 8.08 25.79 -5.17
CA CYS A 157 7.66 24.44 -5.63
C CYS A 157 8.02 23.34 -4.62
N MET A 158 7.62 22.13 -4.97
CA MET A 158 7.84 20.94 -4.16
C MET A 158 8.67 19.95 -4.98
N PRO A 159 9.80 19.49 -4.42
CA PRO A 159 10.52 18.42 -5.12
C PRO A 159 9.60 17.24 -5.47
N PHE A 160 9.78 16.72 -6.71
CA PHE A 160 9.05 15.54 -7.26
C PHE A 160 9.87 14.81 -8.38
N PHE A 161 10.52 13.72 -8.01
CA PHE A 161 11.34 12.98 -8.95
C PHE A 161 10.60 11.84 -9.64
N ARG A 162 10.81 11.72 -10.94
CA ARG A 162 10.16 10.69 -11.73
C ARG A 162 10.52 9.30 -11.25
N ALA A 163 9.55 8.40 -11.33
CA ALA A 163 9.72 7.02 -10.91
C ALA A 163 10.75 6.33 -11.79
N GLY A 164 11.26 5.21 -11.31
CA GLY A 164 12.23 4.47 -12.09
C GLY A 164 11.56 3.75 -13.24
N PHE A 165 12.31 3.52 -14.31
CA PHE A 165 11.81 2.83 -15.49
C PHE A 165 12.55 1.51 -15.72
N VAL A 166 12.32 0.80 -16.83
CA VAL A 166 12.91 -0.54 -16.89
C VAL A 166 14.26 -1.09 -17.36
N CYS A 167 14.77 -0.85 -18.58
CA CYS A 167 16.05 -1.53 -18.82
C CYS A 167 17.31 -0.96 -18.10
N PRO A 168 17.38 0.36 -17.86
CA PRO A 168 18.54 0.94 -17.18
C PRO A 168 17.96 1.84 -16.06
N THR A 169 18.35 3.13 -16.10
CA THR A 169 17.93 4.22 -15.17
C THR A 169 18.53 5.56 -15.66
N PRO A 170 19.54 5.48 -16.52
CA PRO A 170 20.15 6.71 -17.06
C PRO A 170 19.40 7.05 -18.37
N PRO A 171 18.83 8.29 -18.45
CA PRO A 171 18.06 8.89 -19.55
C PRO A 171 17.85 8.08 -20.86
N TYR A 172 16.75 7.34 -20.86
CA TYR A 172 16.33 6.44 -21.95
C TYR A 172 15.75 6.97 -23.26
N GLN A 173 15.79 6.12 -24.30
CA GLN A 173 15.31 6.54 -25.63
C GLN A 173 14.28 5.77 -26.50
N SER A 174 14.37 4.44 -26.59
CA SER A 174 13.48 3.62 -27.46
C SER A 174 11.93 3.57 -27.35
N LEU A 175 11.41 2.44 -26.86
CA LEU A 175 9.97 2.23 -26.70
C LEU A 175 9.39 3.14 -25.61
N ALA A 176 8.07 3.03 -25.41
CA ALA A 176 7.38 3.82 -24.38
C ALA A 176 7.98 3.44 -23.04
N ARG A 177 8.09 4.42 -22.16
CA ARG A 177 8.69 4.22 -20.85
C ARG A 177 7.82 3.38 -19.90
N GLU A 178 8.45 2.40 -19.26
CA GLU A 178 7.73 1.53 -18.33
C GLU A 178 8.29 1.57 -16.91
N GLN A 179 7.43 1.85 -15.94
CA GLN A 179 7.86 1.93 -14.53
C GLN A 179 8.06 0.56 -13.90
N ILE A 180 9.02 0.47 -13.00
CA ILE A 180 9.32 -0.79 -12.34
C ILE A 180 8.46 -1.00 -11.10
N ASN A 181 8.13 -2.26 -10.81
CA ASN A 181 7.43 -2.58 -9.58
C ASN A 181 8.54 -3.31 -8.81
N ALA A 182 8.94 -2.77 -7.68
CA ALA A 182 10.02 -3.36 -6.89
C ALA A 182 9.61 -4.54 -5.99
N VAL A 183 8.33 -4.92 -6.03
CA VAL A 183 7.84 -6.05 -5.23
C VAL A 183 7.05 -7.08 -6.06
N THR A 184 6.79 -8.23 -5.47
CA THR A 184 6.07 -9.29 -6.17
C THR A 184 4.59 -8.96 -6.29
N SER A 185 3.99 -9.35 -7.41
CA SER A 185 2.58 -9.06 -7.67
C SER A 185 1.64 -9.87 -6.79
N PHE A 186 2.04 -11.09 -6.46
CA PHE A 186 1.25 -12.00 -5.64
C PHE A 186 1.06 -11.54 -4.20
N LEU A 187 -0.07 -11.90 -3.59
CA LEU A 187 -0.34 -11.57 -2.19
C LEU A 187 0.40 -12.66 -1.43
N ASP A 188 1.67 -12.40 -1.07
CA ASP A 188 2.53 -13.36 -0.37
C ASP A 188 3.32 -12.82 0.83
N ALA A 189 2.79 -11.83 1.53
CA ALA A 189 3.49 -11.29 2.68
C ALA A 189 4.90 -10.83 2.33
N SER A 190 5.12 -10.46 1.06
CA SER A 190 6.44 -10.02 0.64
C SER A 190 6.84 -8.78 1.41
N LEU A 191 5.89 -8.19 2.12
CA LEU A 191 6.22 -6.99 2.87
C LEU A 191 6.82 -7.36 4.22
N VAL A 192 6.57 -8.58 4.68
CA VAL A 192 7.13 -9.05 5.93
C VAL A 192 8.44 -9.79 5.67
N TYR A 193 8.57 -10.36 4.48
CA TYR A 193 9.77 -11.14 4.15
C TYR A 193 10.80 -10.59 3.16
N GLY A 194 10.52 -9.46 2.53
CA GLY A 194 11.45 -8.90 1.57
C GLY A 194 11.18 -9.48 0.19
N SER A 195 11.50 -8.72 -0.86
CA SER A 195 11.28 -9.14 -2.24
C SER A 195 12.59 -9.56 -2.91
N GLU A 196 13.72 -9.21 -2.27
CA GLU A 196 15.06 -9.51 -2.74
C GLU A 196 15.65 -10.52 -1.81
N PRO A 197 16.51 -11.26 -2.38
CA PRO A 197 17.22 -12.35 -1.68
C PRO A 197 18.14 -11.89 -0.59
N SEP A 198 18.73 -10.79 -1.03
CA SEP A 198 19.68 -9.99 -0.29
CB SEP A 198 20.09 -8.82 -1.22
OG SEP A 198 20.66 -9.20 -2.51
C SEP A 198 19.00 -9.43 1.02
O SEP A 198 19.67 -9.18 2.06
P SEP A 198 19.81 -9.22 -3.90
O1P SEP A 198 18.25 -9.39 -3.56
O2P SEP A 198 20.20 -8.16 -5.00
O3P SEP A 198 20.10 -10.57 -4.56
N LEU A 199 17.72 -9.17 0.94
CA LEU A 199 17.08 -8.65 2.11
C LEU A 199 16.45 -9.76 2.93
N ALA A 200 15.74 -10.62 2.23
CA ALA A 200 15.03 -11.75 2.81
C ALA A 200 15.95 -12.56 3.71
N SER A 201 17.24 -12.26 3.66
CA SER A 201 18.25 -12.95 4.48
C SER A 201 18.59 -12.12 5.73
N ARG A 202 18.99 -10.87 5.51
CA ARG A 202 19.35 -9.97 6.61
C ARG A 202 18.27 -9.96 7.68
N LEU A 203 17.02 -9.98 7.24
CA LEU A 203 15.88 -9.95 8.14
C LEU A 203 15.75 -11.19 9.01
N ARG A 204 16.38 -12.28 8.58
CA ARG A 204 16.34 -13.54 9.32
C ARG A 204 17.42 -13.64 10.40
N ASN A 205 17.15 -14.50 11.40
CA ASN A 205 18.06 -14.81 12.51
C ASN A 205 18.61 -16.19 12.15
N LEU A 206 19.72 -16.22 11.44
CA LEU A 206 20.30 -17.50 11.08
C LEU A 206 21.31 -17.86 12.17
N SER A 207 21.33 -17.07 13.24
CA SER A 207 22.21 -17.33 14.36
C SER A 207 21.80 -18.59 15.09
N SER A 208 20.66 -19.16 14.69
CA SER A 208 20.12 -20.37 15.31
C SER A 208 19.20 -21.11 14.36
N PRO A 209 18.96 -22.40 14.61
CA PRO A 209 18.11 -23.25 13.78
C PRO A 209 16.62 -23.25 14.15
N LEU A 210 16.10 -22.11 14.59
CA LEU A 210 14.69 -22.04 14.96
C LEU A 210 13.85 -21.36 13.86
N GLY A 211 14.54 -20.95 12.80
CA GLY A 211 13.89 -20.30 11.68
C GLY A 211 13.04 -19.08 12.02
N LEU A 212 13.51 -18.29 12.99
CA LEU A 212 12.77 -17.09 13.39
C LEU A 212 13.24 -15.91 12.53
N MET A 213 12.56 -14.78 12.72
CA MET A 213 12.91 -13.54 12.03
C MET A 213 13.73 -12.80 13.07
N ALA A 214 14.62 -11.91 12.62
CA ALA A 214 15.46 -11.15 13.54
C ALA A 214 14.63 -10.07 14.22
N VAL A 215 14.77 -9.98 15.53
CA VAL A 215 14.04 -8.97 16.28
C VAL A 215 15.02 -7.97 16.89
N ASN A 216 14.59 -6.92 17.52
CA ASN A 216 15.59 -6.01 18.02
C ASN A 216 16.04 -6.44 19.37
N GLN A 217 17.21 -5.95 19.62
CA GLN A 217 17.92 -6.38 20.81
C GLN A 217 18.05 -5.24 21.82
N GLU A 218 17.83 -4.02 21.34
CA GLU A 218 17.95 -2.83 22.17
C GLU A 218 16.68 -2.41 22.94
N ALA A 219 15.52 -2.87 22.50
CA ALA A 219 14.29 -2.47 23.17
C ALA A 219 13.19 -3.51 23.08
N TRP A 220 12.46 -3.68 24.17
CA TRP A 220 11.37 -4.66 24.21
C TRP A 220 10.02 -4.12 24.60
N ASP A 221 8.98 -4.77 24.08
CA ASP A 221 7.60 -4.39 24.35
C ASP A 221 6.97 -5.47 25.21
N HIS A 222 7.14 -5.35 26.53
CA HIS A 222 6.60 -6.30 27.50
C HIS A 222 6.92 -7.76 27.18
N GLY A 223 8.19 -8.04 26.91
CA GLY A 223 8.59 -9.40 26.59
C GLY A 223 8.28 -9.79 25.17
N LEU A 224 7.55 -8.92 24.45
CA LEU A 224 7.21 -9.20 23.07
C LEU A 224 8.20 -8.47 22.18
N ALA A 225 8.31 -8.93 20.95
CA ALA A 225 9.27 -8.36 19.99
C ALA A 225 8.95 -7.07 19.27
N TYR A 226 10.02 -6.39 18.89
CA TYR A 226 9.95 -5.14 18.12
C TYR A 226 10.71 -5.48 16.86
N LEU A 227 10.66 -4.61 15.87
CA LEU A 227 11.40 -4.87 14.63
C LEU A 227 12.84 -4.41 14.82
N PRO A 228 13.78 -5.00 14.06
CA PRO A 228 15.19 -4.61 14.18
C PRO A 228 15.36 -3.17 13.70
N PHE A 229 16.44 -2.50 14.12
CA PHE A 229 16.64 -1.13 13.71
C PHE A 229 17.37 -1.10 12.38
N ASN A 230 17.21 -0.01 11.64
CA ASN A 230 17.92 0.14 10.37
C ASN A 230 19.19 0.92 10.70
N ASN A 231 20.32 0.38 10.21
CA ASN A 231 21.68 0.94 10.43
C ASN A 231 22.07 2.14 9.59
N LYS A 232 21.46 2.28 8.41
CA LYS A 232 21.78 3.36 7.45
C LYS A 232 21.61 4.72 8.15
N LYS A 233 22.65 5.50 8.00
CA LYS A 233 22.67 6.78 8.48
C LYS A 233 22.76 7.72 7.27
N PRO A 234 21.68 8.36 7.38
CA PRO A 234 20.42 9.20 7.42
C PRO A 234 19.31 8.73 8.13
N SER A 235 18.84 9.31 9.09
CA SER A 235 17.67 8.59 9.29
C SER A 235 16.56 9.58 9.17
N PRO A 236 15.44 9.27 8.51
CA PRO A 236 14.33 10.20 8.69
C PRO A 236 13.67 10.13 10.06
N CYS A 237 13.60 8.94 10.64
CA CYS A 237 12.97 8.76 11.96
C CYS A 237 13.79 9.42 13.05
N GLU A 238 15.09 9.55 12.81
CA GLU A 238 15.99 10.19 13.75
C GLU A 238 15.74 11.69 13.66
N PHE A 239 15.58 12.17 12.43
CA PHE A 239 15.36 13.58 12.12
C PHE A 239 14.19 14.26 12.81
N ILE A 240 13.05 13.58 12.85
CA ILE A 240 11.86 14.18 13.44
C ILE A 240 11.96 14.45 14.94
N ASN A 241 13.06 14.05 15.54
CA ASN A 241 13.31 14.25 16.97
C ASN A 241 14.76 13.86 17.27
N THR A 242 15.69 14.80 17.08
CA THR A 242 17.10 14.53 17.31
C THR A 242 17.49 14.31 18.77
N THR A 243 16.52 14.36 19.67
CA THR A 243 16.79 14.15 21.08
C THR A 243 16.56 12.70 21.48
N ALA A 244 15.63 12.04 20.81
CA ALA A 244 15.30 10.66 21.10
C ALA A 244 16.17 9.68 20.33
N ARG A 245 16.69 10.11 19.19
CA ARG A 245 17.55 9.28 18.34
C ARG A 245 17.08 7.84 18.20
N VAL A 246 15.91 7.65 17.61
CA VAL A 246 15.41 6.30 17.38
C VAL A 246 15.28 6.08 15.88
N PRO A 247 16.12 5.21 15.31
CA PRO A 247 16.04 4.97 13.87
C PRO A 247 14.74 4.30 13.43
N CYS A 248 14.52 4.26 12.13
CA CYS A 248 13.32 3.63 11.58
C CYS A 248 13.53 2.13 11.68
N PHE A 249 12.43 1.38 11.54
CA PHE A 249 12.48 -0.07 11.64
C PHE A 249 12.99 -0.74 10.36
N LEU A 250 13.57 -1.92 10.51
CA LEU A 250 14.06 -2.67 9.36
C LEU A 250 13.03 -3.76 9.05
N ALA A 251 12.55 -3.81 7.82
CA ALA A 251 11.57 -4.81 7.45
C ALA A 251 11.64 -5.18 5.97
N GLY A 252 10.79 -6.12 5.56
CA GLY A 252 10.76 -6.58 4.18
C GLY A 252 10.45 -5.51 3.14
N ASP A 253 9.71 -4.49 3.57
CA ASP A 253 9.35 -3.39 2.69
C ASP A 253 9.95 -2.11 3.25
N PHE A 254 10.49 -1.28 2.39
CA PHE A 254 11.13 -0.04 2.82
C PHE A 254 10.20 1.06 3.38
N ARG A 255 8.91 0.97 3.08
CA ARG A 255 7.94 1.98 3.52
C ARG A 255 7.36 1.75 4.92
N ALA A 256 7.82 0.69 5.57
CA ALA A 256 7.33 0.31 6.90
C ALA A 256 7.20 1.41 7.95
N SER A 257 8.20 2.29 8.06
CA SER A 257 8.20 3.37 9.06
C SER A 257 7.51 4.64 8.65
N GLU A 258 6.68 4.58 7.54
CA GLU A 258 5.99 5.79 6.99
C GLU A 258 5.11 6.46 8.02
N GLN A 259 4.61 5.63 8.91
CA GLN A 259 3.61 6.13 9.76
C GLN A 259 3.33 5.25 10.96
N ILE A 260 3.36 5.86 12.16
CA ILE A 260 3.30 5.05 13.38
C ILE A 260 2.33 3.89 13.30
N LEU A 261 1.22 4.09 12.59
CA LEU A 261 0.20 3.06 12.48
C LEU A 261 0.46 1.95 11.44
N LEU A 262 1.47 2.14 10.60
CA LEU A 262 1.83 1.18 9.58
C LEU A 262 3.01 0.31 10.10
N ALA A 263 3.85 0.93 10.91
CA ALA A 263 4.99 0.24 11.52
C ALA A 263 4.47 -0.71 12.60
N THR A 264 3.37 -0.33 13.25
CA THR A 264 2.78 -1.17 14.29
C THR A 264 2.25 -2.49 13.73
N ALA A 265 1.44 -2.40 12.67
CA ALA A 265 0.86 -3.57 12.01
C ALA A 265 1.95 -4.48 11.51
N HIS A 266 3.11 -3.89 11.18
CA HIS A 266 4.23 -4.67 10.71
C HIS A 266 4.70 -5.54 11.89
N THR A 267 4.76 -4.93 13.08
CA THR A 267 5.17 -5.59 14.32
C THR A 267 4.30 -6.81 14.60
N LEU A 268 3.00 -6.67 14.41
CA LEU A 268 2.09 -7.79 14.62
C LEU A 268 2.45 -8.96 13.69
N LEU A 269 2.72 -8.66 12.41
CA LEU A 269 3.07 -9.70 11.44
C LEU A 269 4.40 -10.38 11.70
N LEU A 270 5.37 -9.65 12.23
CA LEU A 270 6.67 -10.23 12.52
C LEU A 270 6.46 -11.21 13.67
N ARG A 271 5.75 -10.72 14.69
CA ARG A 271 5.43 -11.50 15.87
C ARG A 271 4.70 -12.78 15.54
N GLU A 272 3.79 -12.73 14.57
CA GLU A 272 3.05 -13.91 14.18
C GLU A 272 3.95 -14.92 13.50
N HIS A 273 4.96 -14.44 12.76
CA HIS A 273 5.87 -15.37 12.11
C HIS A 273 6.66 -16.12 13.17
N ASN A 274 7.38 -15.37 14.00
CA ASN A 274 8.16 -15.92 15.11
C ASN A 274 7.29 -16.82 15.98
N ARG A 275 6.03 -16.44 16.14
CA ARG A 275 5.11 -17.23 16.94
C ARG A 275 4.78 -18.57 16.27
N LEU A 276 4.44 -18.52 14.98
CA LEU A 276 4.12 -19.72 14.23
C LEU A 276 5.30 -20.68 14.25
N ALA A 277 6.50 -20.11 14.10
CA ALA A 277 7.75 -20.87 14.07
C ALA A 277 8.09 -21.66 15.32
N ARG A 278 7.73 -21.16 16.50
CA ARG A 278 8.03 -21.90 17.70
C ARG A 278 6.92 -22.91 18.00
N GLU A 279 5.67 -22.55 17.69
CA GLU A 279 4.59 -23.50 17.90
C GLU A 279 4.89 -24.72 17.02
N LEU A 280 5.52 -24.48 15.87
CA LEU A 280 5.88 -25.52 14.91
C LEU A 280 7.06 -26.39 15.34
N LYS A 281 8.11 -25.76 15.86
CA LYS A 281 9.29 -26.51 16.31
C LYS A 281 8.84 -27.46 17.41
N LYS A 282 7.96 -26.95 18.26
CA LYS A 282 7.39 -27.66 19.42
C LYS A 282 6.48 -28.83 19.07
N LEU A 283 6.17 -28.98 17.79
CA LEU A 283 5.30 -30.04 17.33
C LEU A 283 6.05 -30.92 16.30
N ASN A 284 7.16 -30.42 15.76
CA ASN A 284 8.00 -31.11 14.76
C ASN A 284 9.48 -30.89 15.13
N PRO A 285 9.91 -31.40 16.30
CA PRO A 285 11.29 -31.27 16.82
C PRO A 285 12.39 -31.47 15.79
N HIS A 286 12.17 -32.43 14.89
CA HIS A 286 13.09 -32.78 13.83
C HIS A 286 13.24 -31.78 12.70
N TRP A 287 12.27 -30.89 12.52
CA TRP A 287 12.35 -29.89 11.45
C TRP A 287 13.52 -28.95 11.64
N ASN A 288 14.20 -28.60 10.54
CA ASN A 288 15.33 -27.68 10.61
C ASN A 288 14.88 -26.22 10.47
N GLY A 289 15.83 -25.30 10.64
CA GLY A 289 15.55 -23.88 10.54
C GLY A 289 14.89 -23.41 9.25
N GLU A 290 15.41 -23.86 8.12
CA GLU A 290 14.86 -23.49 6.83
C GLU A 290 13.39 -23.91 6.74
N LYS A 291 13.05 -25.04 7.33
CA LYS A 291 11.68 -25.54 7.29
C LYS A 291 10.72 -24.78 8.20
N LEU A 292 11.17 -24.39 9.38
CA LEU A 292 10.31 -23.62 10.27
C LEU A 292 10.08 -22.29 9.59
N TYR A 293 11.12 -21.78 8.95
CA TYR A 293 11.02 -20.51 8.25
C TYR A 293 10.01 -20.58 7.11
N GLN A 294 10.28 -21.42 6.12
CA GLN A 294 9.40 -21.54 4.96
C GLN A 294 7.95 -21.92 5.29
N GLU A 295 7.76 -22.80 6.27
CA GLU A 295 6.42 -23.26 6.66
C GLU A 295 5.63 -22.19 7.41
N ALA A 296 6.33 -21.42 8.23
CA ALA A 296 5.67 -20.33 8.96
C ALA A 296 5.31 -19.24 7.95
N ARG A 297 6.24 -18.98 7.02
CA ARG A 297 6.07 -17.98 5.94
C ARG A 297 4.94 -18.35 4.99
N LYS A 298 4.72 -19.65 4.81
CA LYS A 298 3.65 -20.11 3.94
C LYS A 298 2.30 -19.96 4.67
N ILE A 299 2.35 -19.98 6.00
CA ILE A 299 1.13 -19.81 6.79
C ILE A 299 0.70 -18.34 6.80
N LEU A 300 1.65 -17.43 7.01
CA LEU A 300 1.35 -16.00 7.05
C LEU A 300 0.80 -15.48 5.72
N GLY A 301 1.25 -16.10 4.62
CA GLY A 301 0.77 -15.70 3.31
C GLY A 301 -0.68 -16.13 3.17
N ALA A 302 -1.01 -17.31 3.69
CA ALA A 302 -2.37 -17.80 3.64
C ALA A 302 -3.22 -16.79 4.40
N PHE A 303 -2.67 -16.31 5.51
CA PHE A 303 -3.32 -15.32 6.35
C PHE A 303 -3.69 -14.06 5.57
N ILE A 304 -2.67 -13.35 5.07
CA ILE A 304 -2.90 -12.10 4.34
C ILE A 304 -3.96 -12.23 3.27
N GLN A 305 -3.95 -13.35 2.54
CA GLN A 305 -4.91 -13.57 1.46
C GLN A 305 -6.32 -13.81 1.98
N ILE A 306 -6.45 -14.50 3.11
CA ILE A 306 -7.78 -14.79 3.64
C ILE A 306 -8.50 -13.56 4.18
N ILE A 307 -7.81 -12.74 4.97
CA ILE A 307 -8.43 -11.56 5.54
C ILE A 307 -8.77 -10.57 4.40
N THR A 308 -7.85 -10.45 3.45
CA THR A 308 -8.00 -9.56 2.31
C THR A 308 -9.20 -9.96 1.44
N PHE A 309 -9.27 -11.22 1.04
CA PHE A 309 -10.38 -11.68 0.19
C PHE A 309 -11.67 -12.01 0.91
N ARG A 310 -11.59 -12.45 2.16
CA ARG A 310 -12.81 -12.77 2.91
C ARG A 310 -13.42 -11.61 3.69
N ASP A 311 -12.58 -10.83 4.37
CA ASP A 311 -13.07 -9.73 5.18
C ASP A 311 -12.94 -8.32 4.62
N TYR A 312 -11.82 -8.04 3.96
CA TYR A 312 -11.57 -6.72 3.41
C TYR A 312 -12.30 -6.38 2.10
N LEU A 313 -11.98 -7.10 1.02
CA LEU A 313 -12.58 -6.84 -0.30
C LEU A 313 -14.10 -6.79 -0.34
N PRO A 314 -14.79 -7.72 0.32
CA PRO A 314 -16.25 -7.67 0.27
C PRO A 314 -16.84 -6.33 0.74
N ILE A 315 -16.06 -5.56 1.52
CA ILE A 315 -16.58 -4.29 2.01
C ILE A 315 -16.03 -3.05 1.30
N VAL A 316 -15.17 -3.26 0.30
CA VAL A 316 -14.63 -2.15 -0.50
C VAL A 316 -15.51 -2.15 -1.77
N LEU A 317 -15.57 -3.31 -2.40
CA LEU A 317 -16.32 -3.55 -3.64
C LEU A 317 -17.82 -3.57 -3.39
N GLY A 318 -18.18 -4.02 -2.20
CA GLY A 318 -19.59 -4.08 -1.86
C GLY A 318 -20.36 -4.88 -2.89
N SER A 319 -21.48 -4.33 -3.35
CA SER A 319 -22.30 -5.03 -4.31
C SER A 319 -21.58 -5.37 -5.61
N GLU A 320 -20.44 -4.75 -5.89
CA GLU A 320 -19.70 -5.07 -7.10
C GLU A 320 -18.83 -6.33 -6.98
N MET A 321 -18.62 -6.77 -5.74
CA MET A 321 -17.78 -7.95 -5.45
C MET A 321 -17.97 -9.19 -6.33
N GLN A 322 -19.20 -9.64 -6.55
CA GLN A 322 -19.41 -10.83 -7.37
C GLN A 322 -19.45 -10.62 -8.88
N LYS A 323 -19.35 -9.39 -9.32
CA LYS A 323 -19.36 -9.08 -10.74
C LYS A 323 -17.96 -9.19 -11.29
N TRP A 324 -16.96 -8.86 -10.46
CA TRP A 324 -15.57 -8.92 -10.89
C TRP A 324 -14.83 -10.08 -10.29
N ILE A 325 -15.10 -10.42 -9.02
CA ILE A 325 -14.38 -11.55 -8.42
C ILE A 325 -15.30 -12.77 -8.17
N PRO A 326 -15.45 -13.56 -9.22
CA PRO A 326 -16.26 -14.82 -9.11
C PRO A 326 -15.76 -15.85 -8.09
N PRO A 327 -16.57 -16.87 -7.74
CA PRO A 327 -16.09 -17.89 -6.79
C PRO A 327 -14.87 -18.59 -7.37
N TYR A 328 -13.90 -18.93 -6.52
CA TYR A 328 -12.66 -19.55 -6.99
C TYR A 328 -12.82 -20.94 -7.61
N GLN A 329 -12.32 -21.12 -8.83
CA GLN A 329 -12.41 -22.39 -9.55
C GLN A 329 -11.08 -23.07 -9.86
N GLY A 330 -9.99 -22.51 -9.37
CA GLY A 330 -8.70 -23.13 -9.62
C GLY A 330 -7.66 -22.27 -10.32
N TYR A 331 -6.43 -22.71 -10.22
CA TYR A 331 -5.29 -22.04 -10.81
C TYR A 331 -5.35 -21.97 -12.35
N ASN A 332 -5.42 -20.76 -12.88
CA ASN A 332 -5.42 -20.58 -14.34
C ASN A 332 -4.02 -20.07 -14.74
N ASN A 333 -3.28 -20.86 -15.51
CA ASN A 333 -1.94 -20.47 -15.90
C ASN A 333 -1.93 -19.46 -17.05
N SER A 334 -3.09 -19.26 -17.68
CA SER A 334 -3.20 -18.30 -18.78
C SER A 334 -3.52 -16.91 -18.26
N VAL A 335 -3.57 -16.76 -16.95
CA VAL A 335 -3.91 -15.47 -16.34
C VAL A 335 -2.65 -14.71 -15.95
N ASP A 336 -2.54 -13.48 -16.43
CA ASP A 336 -1.40 -12.58 -16.16
C ASP A 336 -1.58 -12.02 -14.76
N PRO A 337 -0.75 -12.49 -13.80
CA PRO A 337 -0.75 -12.09 -12.39
C PRO A 337 -0.13 -10.75 -12.03
N ARG A 338 0.46 -10.07 -13.01
CA ARG A 338 1.11 -8.78 -12.77
C ARG A 338 0.22 -7.61 -12.35
N ILE A 339 0.76 -6.76 -11.49
CA ILE A 339 0.03 -5.58 -11.07
C ILE A 339 0.08 -4.62 -12.26
N SER A 340 -1.07 -4.11 -12.66
CA SER A 340 -1.11 -3.19 -13.78
C SER A 340 -0.63 -1.83 -13.29
N ASN A 341 -0.23 -0.96 -14.22
CA ASN A 341 0.27 0.35 -13.83
C ASN A 341 -0.83 1.21 -13.22
N VAL A 342 -2.07 1.08 -13.70
CA VAL A 342 -3.16 1.90 -13.18
C VAL A 342 -3.63 1.46 -11.79
N PHE A 343 -3.45 0.18 -11.48
CA PHE A 343 -3.85 -0.33 -10.17
C PHE A 343 -3.20 0.54 -9.09
N THR A 344 -1.91 0.82 -9.27
CA THR A 344 -1.15 1.62 -8.29
C THR A 344 -1.67 3.02 -8.07
N PHE A 345 -2.64 3.44 -8.87
CA PHE A 345 -3.22 4.75 -8.70
C PHE A 345 -4.65 4.54 -8.25
N ALA A 346 -5.22 3.41 -8.64
CA ALA A 346 -6.58 3.08 -8.27
C ALA A 346 -6.67 2.69 -6.81
N PHE A 347 -5.64 2.03 -6.31
CA PHE A 347 -5.64 1.61 -4.92
C PHE A 347 -5.38 2.82 -4.00
N ARG A 348 -4.95 3.93 -4.62
CA ARG A 348 -4.65 5.13 -3.84
C ARG A 348 -5.94 5.72 -3.19
N PHE A 349 -7.09 5.15 -3.53
CA PHE A 349 -8.34 5.63 -2.98
C PHE A 349 -8.27 5.67 -1.45
N GLY A 350 -7.39 4.84 -0.91
CA GLY A 350 -7.23 4.77 0.53
C GLY A 350 -6.77 6.08 1.13
N HIS A 351 -6.16 6.96 0.34
CA HIS A 351 -5.66 8.22 0.86
C HIS A 351 -6.82 9.10 1.36
N MET A 352 -8.00 8.91 0.79
CA MET A 352 -9.16 9.68 1.19
C MET A 352 -9.81 9.03 2.38
N GLU A 353 -9.14 8.00 2.89
CA GLU A 353 -9.64 7.24 4.03
C GLU A 353 -8.88 7.53 5.32
N VAL A 354 -7.73 8.20 5.21
CA VAL A 354 -6.93 8.52 6.39
C VAL A 354 -7.51 9.65 7.24
N PRO A 355 -7.76 9.37 8.53
CA PRO A 355 -8.32 10.34 9.47
C PRO A 355 -7.25 11.36 9.89
N SER A 356 -7.68 12.53 10.38
CA SER A 356 -6.75 13.59 10.77
C SER A 356 -5.92 13.36 12.02
N THR A 357 -6.39 12.52 12.93
CA THR A 357 -5.63 12.26 14.15
C THR A 357 -5.48 10.75 14.42
N VAL A 358 -4.61 10.41 15.37
CA VAL A 358 -4.38 9.02 15.75
C VAL A 358 -4.45 8.96 17.28
N SER A 359 -5.25 8.02 17.80
CA SER A 359 -5.47 7.91 19.23
C SER A 359 -4.85 6.71 19.96
N ARG A 360 -4.52 6.92 21.23
CA ARG A 360 -3.97 5.84 22.05
C ARG A 360 -4.93 5.56 23.19
N LEU A 361 -5.16 4.29 23.49
CA LEU A 361 -6.08 3.94 24.56
C LEU A 361 -5.46 3.01 25.60
N ASP A 362 -5.91 3.10 26.84
CA ASP A 362 -5.43 2.24 27.93
C ASP A 362 -6.36 1.03 28.06
N GLU A 363 -6.04 0.17 28.98
CA GLU A 363 -6.79 -1.09 29.15
C GLU A 363 -8.32 -1.00 29.02
N ASN A 364 -8.91 0.08 29.52
CA ASN A 364 -10.37 0.22 29.45
C ASN A 364 -10.82 0.93 28.17
N TYR A 365 -9.89 1.14 27.24
CA TYR A 365 -10.19 1.81 25.97
C TYR A 365 -10.51 3.30 26.11
N GLN A 366 -10.07 3.89 27.21
CA GLN A 366 -10.29 5.31 27.47
C GLN A 366 -8.97 5.98 27.08
N PRO A 367 -8.98 7.31 26.89
CA PRO A 367 -7.73 8.01 26.52
C PRO A 367 -6.55 7.64 27.41
N TRP A 368 -5.43 7.32 26.77
CA TRP A 368 -4.20 6.92 27.47
C TRP A 368 -3.27 8.11 27.69
N GLY A 369 -3.48 8.84 28.79
CA GLY A 369 -2.63 9.98 29.08
C GLY A 369 -3.20 11.35 28.72
N PRO A 370 -2.41 12.42 28.92
CA PRO A 370 -2.80 13.81 28.62
C PRO A 370 -2.72 14.20 27.16
N GLU A 371 -1.93 13.47 26.38
CA GLU A 371 -1.78 13.78 24.98
C GLU A 371 -2.01 12.50 24.16
N ALA A 372 -3.12 11.82 24.43
CA ALA A 372 -3.47 10.57 23.78
C ALA A 372 -3.78 10.69 22.28
N GLU A 373 -4.47 11.77 21.92
CA GLU A 373 -4.84 12.01 20.54
C GLU A 373 -3.78 12.92 19.95
N LEU A 374 -3.22 12.52 18.81
CA LEU A 374 -2.16 13.32 18.18
C LEU A 374 -2.44 13.59 16.70
N PRO A 375 -2.02 14.77 16.20
CA PRO A 375 -2.22 15.12 14.78
C PRO A 375 -1.46 14.13 13.90
N LEU A 376 -2.11 13.63 12.86
CA LEU A 376 -1.49 12.66 11.97
C LEU A 376 -0.10 13.04 11.45
N HIS A 377 0.13 14.30 11.08
CA HIS A 377 1.43 14.67 10.54
C HIS A 377 2.64 14.50 11.46
N THR A 378 2.45 14.50 12.78
CA THR A 378 3.57 14.33 13.70
C THR A 378 3.95 12.86 13.80
N LEU A 379 3.14 12.00 13.19
CA LEU A 379 3.39 10.58 13.26
C LEU A 379 4.12 9.97 12.07
N PHE A 380 4.38 10.75 11.02
CA PHE A 380 5.11 10.23 9.88
C PHE A 380 6.53 9.95 10.34
N PHE A 381 7.03 8.76 10.01
CA PHE A 381 8.38 8.32 10.36
C PHE A 381 8.68 8.41 11.85
N ASN A 382 7.63 8.32 12.65
CA ASN A 382 7.77 8.41 14.08
C ASN A 382 7.87 7.04 14.72
N THR A 383 9.09 6.61 15.02
CA THR A 383 9.29 5.34 15.67
C THR A 383 9.47 5.56 17.17
N TRP A 384 9.98 6.73 17.56
CA TRP A 384 10.22 7.03 18.98
C TRP A 384 8.95 7.04 19.82
N ARG A 385 7.81 7.28 19.18
CA ARG A 385 6.55 7.29 19.89
C ARG A 385 6.17 5.87 20.34
N ILE A 386 6.57 4.88 19.55
CA ILE A 386 6.25 3.50 19.88
C ILE A 386 7.23 2.99 20.93
N ILE A 387 8.52 3.27 20.76
CA ILE A 387 9.54 2.77 21.66
C ILE A 387 9.67 3.43 23.05
N LYS A 388 9.66 4.76 23.12
CA LYS A 388 9.78 5.42 24.41
C LYS A 388 8.44 5.94 24.97
N ASP A 389 7.33 5.38 24.51
CA ASP A 389 6.04 5.89 24.98
C ASP A 389 4.84 4.95 24.90
N GLY A 390 4.99 3.72 25.40
CA GLY A 390 3.87 2.79 25.42
C GLY A 390 3.81 1.44 24.72
N GLY A 391 4.72 1.15 23.80
CA GLY A 391 4.66 -0.12 23.09
C GLY A 391 3.59 -0.04 22.00
N ILE A 392 3.22 -1.17 21.39
CA ILE A 392 2.20 -1.11 20.34
C ILE A 392 0.79 -1.41 20.85
N ASP A 393 0.64 -1.63 22.15
CA ASP A 393 -0.69 -1.92 22.70
C ASP A 393 -1.69 -0.78 22.61
N PRO A 394 -1.37 0.39 23.21
CA PRO A 394 -2.31 1.53 23.15
C PRO A 394 -2.72 1.89 21.72
N LEU A 395 -1.83 1.64 20.77
CA LEU A 395 -2.07 1.93 19.36
C LEU A 395 -2.95 0.91 18.62
N THR A 396 -2.90 -0.37 19.02
CA THR A 396 -3.74 -1.38 18.39
C THR A 396 -5.19 -1.24 18.86
N ARG A 397 -5.38 -0.82 20.11
CA ARG A 397 -6.74 -0.64 20.64
C ARG A 397 -7.39 0.51 19.89
N GLY A 398 -6.57 1.45 19.44
CA GLY A 398 -7.10 2.59 18.69
C GLY A 398 -7.55 2.12 17.31
N LEU A 399 -6.78 1.20 16.74
CA LEU A 399 -7.09 0.62 15.45
C LEU A 399 -8.52 0.06 15.48
N LEU A 400 -8.86 -0.59 16.59
CA LEU A 400 -10.16 -1.21 16.74
C LEU A 400 -11.30 -0.29 17.23
N ALA A 401 -11.00 0.65 18.12
CA ALA A 401 -12.03 1.53 18.65
C ALA A 401 -12.39 2.75 17.80
N LYS A 402 -11.45 3.22 16.98
CA LYS A 402 -11.70 4.40 16.16
C LYS A 402 -12.11 4.09 14.73
N LYS A 403 -12.73 5.07 14.08
CA LYS A 403 -13.20 4.89 12.71
C LYS A 403 -12.25 5.45 11.66
N SER A 404 -12.48 5.03 10.42
CA SER A 404 -11.71 5.50 9.29
C SER A 404 -12.40 6.80 8.87
N LYS A 405 -11.77 7.53 7.97
CA LYS A 405 -12.37 8.75 7.46
C LYS A 405 -13.21 8.28 6.26
N LEU A 406 -14.39 8.85 6.11
CA LEU A 406 -15.27 8.50 5.00
C LEU A 406 -14.99 9.40 3.78
N MET A 407 -14.82 8.81 2.61
CA MET A 407 -14.58 9.61 1.42
C MET A 407 -15.84 10.45 1.33
N ASN A 408 -15.67 11.70 0.95
CA ASN A 408 -16.77 12.63 0.87
C ASN A 408 -16.42 13.51 -0.32
N GLN A 409 -17.38 13.76 -1.21
CA GLN A 409 -17.10 14.59 -2.37
C GLN A 409 -16.63 15.99 -2.03
N ASP A 410 -16.93 16.47 -0.82
CA ASP A 410 -16.54 17.82 -0.37
C ASP A 410 -15.42 17.75 0.65
N LYS A 411 -14.97 16.56 1.02
CA LYS A 411 -13.91 16.45 2.01
C LYS A 411 -13.00 15.26 1.72
N MET A 412 -12.29 15.38 0.61
CA MET A 412 -11.41 14.33 0.14
C MET A 412 -10.20 13.93 1.00
N VAL A 413 -9.21 14.79 1.10
CA VAL A 413 -8.02 14.44 1.85
C VAL A 413 -7.66 15.44 2.93
N THR A 414 -7.45 14.91 4.14
CA THR A 414 -7.10 15.71 5.30
C THR A 414 -5.87 16.57 5.06
N SER A 415 -5.94 17.79 5.58
CA SER A 415 -4.83 18.74 5.47
C SER A 415 -3.56 18.07 5.96
N GLU A 416 -3.71 17.21 6.97
CA GLU A 416 -2.56 16.50 7.52
C GLU A 416 -1.77 15.83 6.42
N LEU A 417 -2.45 15.41 5.36
CA LEU A 417 -1.79 14.76 4.24
C LEU A 417 -1.66 15.71 3.05
N ARG A 418 -2.53 16.72 3.00
CA ARG A 418 -2.52 17.68 1.89
C ARG A 418 -1.50 18.81 1.98
N ASN A 419 -1.18 19.27 3.20
CA ASN A 419 -0.21 20.35 3.35
C ASN A 419 0.95 20.05 4.30
N LYS A 420 0.82 19.00 5.11
CA LYS A 420 1.89 18.70 6.10
C LYS A 420 2.49 17.29 5.95
N LEU A 421 2.60 16.77 4.75
CA LEU A 421 3.18 15.45 4.57
C LEU A 421 4.69 15.55 4.74
N PHE A 422 5.28 14.55 5.38
CA PHE A 422 6.71 14.54 5.55
C PHE A 422 7.32 13.55 4.57
N GLN A 423 8.24 14.02 3.74
CA GLN A 423 8.91 13.16 2.78
C GLN A 423 10.28 12.78 3.33
N PRO A 424 10.53 11.47 3.47
CA PRO A 424 11.78 10.88 3.99
C PRO A 424 13.06 11.45 3.42
N THR A 425 12.95 12.10 2.27
CA THR A 425 14.11 12.66 1.60
C THR A 425 14.49 14.07 2.04
N HIS A 426 13.49 14.94 2.06
CA HIS A 426 13.69 16.33 2.42
C HIS A 426 13.34 16.59 3.90
N LYS A 427 13.60 17.82 4.37
CA LYS A 427 13.40 18.17 5.78
C LYS A 427 12.09 18.71 6.35
N ILE A 428 11.11 19.08 5.54
CA ILE A 428 9.90 19.66 6.13
C ILE A 428 8.61 18.88 6.15
N HIS A 429 7.68 19.32 6.99
CA HIS A 429 6.35 18.72 7.07
C HIS A 429 5.49 19.67 6.24
N GLY A 430 5.71 19.68 4.93
CA GLY A 430 4.95 20.59 4.09
C GLY A 430 4.75 20.15 2.67
N PHE A 431 4.50 18.86 2.49
CA PHE A 431 4.27 18.31 1.17
C PHE A 431 2.78 18.06 1.01
N ASP A 432 2.35 17.83 -0.24
CA ASP A 432 0.96 17.57 -0.55
C ASP A 432 0.82 16.20 -1.23
N LEU A 433 0.36 15.21 -0.46
CA LEU A 433 0.17 13.84 -0.96
C LEU A 433 -0.71 13.81 -2.22
N ALA A 434 -1.70 14.67 -2.27
CA ALA A 434 -2.63 14.74 -3.39
C ALA A 434 -1.99 15.23 -4.68
N ALA A 435 -1.19 16.30 -4.58
CA ALA A 435 -0.50 16.85 -5.74
C ALA A 435 0.50 15.80 -6.21
N ILE A 436 1.16 15.14 -5.27
CA ILE A 436 2.11 14.08 -5.61
C ILE A 436 1.41 12.97 -6.40
N ASN A 437 0.27 12.49 -5.90
CA ASN A 437 -0.50 11.47 -6.60
C ASN A 437 -0.80 11.97 -8.04
N LEU A 438 -1.32 13.19 -8.17
CA LEU A 438 -1.65 13.73 -9.48
C LEU A 438 -0.44 13.84 -10.40
N GLN A 439 0.67 14.37 -9.87
CA GLN A 439 1.89 14.53 -10.65
C GLN A 439 2.40 13.15 -11.04
N ARG A 440 2.07 12.14 -10.24
CA ARG A 440 2.50 10.77 -10.49
C ARG A 440 1.72 10.07 -11.59
N CYS A 441 0.45 10.42 -11.77
CA CYS A 441 -0.34 9.81 -12.85
C CYS A 441 0.34 10.21 -14.14
N ARG A 442 0.71 11.47 -14.22
CA ARG A 442 1.34 12.00 -15.40
C ARG A 442 2.68 11.34 -15.66
N ASP A 443 3.45 11.15 -14.58
CA ASP A 443 4.75 10.52 -14.64
C ASP A 443 4.62 9.11 -15.27
N HIS A 444 3.62 8.36 -14.82
CA HIS A 444 3.40 7.01 -15.32
C HIS A 444 2.74 6.91 -16.69
N GLY A 445 2.46 8.06 -17.30
CA GLY A 445 1.82 8.07 -18.60
C GLY A 445 0.39 7.56 -18.58
N MET A 446 -0.32 7.80 -17.49
CA MET A 446 -1.70 7.35 -17.38
C MET A 446 -2.69 7.97 -18.36
N PRO A 447 -3.60 7.15 -18.92
CA PRO A 447 -4.62 7.60 -19.86
C PRO A 447 -5.65 8.39 -19.04
N GLY A 448 -6.40 9.27 -19.70
CA GLY A 448 -7.39 10.06 -18.99
C GLY A 448 -8.58 9.29 -18.45
N TYR A 449 -9.39 9.97 -17.65
CA TYR A 449 -10.58 9.38 -17.04
C TYR A 449 -11.52 8.65 -18.02
N ASN A 450 -11.84 9.26 -19.16
CA ASN A 450 -12.75 8.60 -20.09
C ASN A 450 -12.21 7.37 -20.81
N SER A 451 -10.89 7.19 -20.83
CA SER A 451 -10.34 6.00 -21.47
C SER A 451 -10.65 4.81 -20.57
N TRP A 452 -10.54 5.04 -19.27
CA TRP A 452 -10.81 3.99 -18.30
C TRP A 452 -12.28 3.68 -18.18
N ARG A 453 -13.12 4.71 -18.28
CA ARG A 453 -14.56 4.50 -18.22
C ARG A 453 -14.88 3.57 -19.40
N GLY A 454 -14.22 3.83 -20.52
CA GLY A 454 -14.40 3.01 -21.71
C GLY A 454 -13.87 1.61 -21.49
N PHE A 455 -12.72 1.51 -20.82
CA PHE A 455 -12.09 0.23 -20.52
C PHE A 455 -13.02 -0.67 -19.70
N CYS A 456 -13.77 -0.06 -18.79
CA CYS A 456 -14.69 -0.79 -17.93
C CYS A 456 -16.13 -0.86 -18.46
N GLY A 457 -16.35 -0.38 -19.68
CA GLY A 457 -17.68 -0.42 -20.26
C GLY A 457 -18.71 0.45 -19.55
N LEU A 458 -18.34 1.70 -19.26
CA LEU A 458 -19.21 2.65 -18.58
C LEU A 458 -19.41 3.89 -19.43
N SER A 459 -20.46 4.65 -19.19
CA SER A 459 -20.72 5.83 -20.00
C SER A 459 -19.69 6.94 -19.88
N GLN A 460 -19.11 7.29 -21.03
CA GLN A 460 -18.11 8.35 -21.15
C GLN A 460 -18.77 9.71 -21.36
N PRO A 461 -18.83 10.54 -20.32
CA PRO A 461 -19.45 11.86 -20.46
C PRO A 461 -18.55 12.90 -21.10
N LYS A 462 -19.02 13.59 -22.14
CA LYS A 462 -18.20 14.60 -22.79
C LYS A 462 -18.64 16.03 -22.51
N THR A 463 -19.61 16.21 -21.62
CA THR A 463 -20.11 17.55 -21.31
C THR A 463 -20.30 17.78 -19.83
N LEU A 464 -20.27 19.06 -19.43
CA LEU A 464 -20.44 19.46 -18.03
C LEU A 464 -21.60 18.68 -17.44
N LYS A 465 -22.75 18.80 -18.09
CA LYS A 465 -23.98 18.16 -17.65
C LYS A 465 -23.85 16.65 -17.64
N GLY A 466 -23.09 16.11 -18.59
CA GLY A 466 -22.91 14.68 -18.62
C GLY A 466 -22.08 14.28 -17.40
N LEU A 467 -21.07 15.08 -17.11
CA LEU A 467 -20.21 14.82 -15.97
C LEU A 467 -21.01 14.95 -14.68
N GLN A 468 -22.00 15.85 -14.69
CA GLN A 468 -22.86 16.07 -13.54
C GLN A 468 -23.68 14.83 -13.22
N THR A 469 -24.18 14.17 -14.25
CA THR A 469 -24.99 12.98 -14.07
C THR A 469 -24.17 11.81 -13.57
N VAL A 470 -22.95 11.69 -14.06
CA VAL A 470 -22.08 10.60 -13.63
C VAL A 470 -21.67 10.76 -12.15
N LEU A 471 -21.13 11.93 -11.79
CA LEU A 471 -20.69 12.21 -10.43
C LEU A 471 -21.82 12.55 -9.50
N LYS A 472 -22.99 12.80 -10.06
CA LYS A 472 -24.15 13.16 -9.27
C LYS A 472 -23.81 14.31 -8.36
N ASN A 473 -23.12 15.31 -8.91
CA ASN A 473 -22.72 16.50 -8.15
C ASN A 473 -22.50 17.64 -9.18
N LYS A 474 -23.28 18.68 -9.05
CA LYS A 474 -23.14 19.80 -9.97
C LYS A 474 -21.90 20.61 -9.70
N ILE A 475 -21.69 21.01 -8.44
CA ILE A 475 -20.53 21.83 -8.10
C ILE A 475 -19.19 21.13 -8.32
N LEU A 476 -19.09 19.86 -7.96
CA LEU A 476 -17.83 19.16 -8.16
C LEU A 476 -17.59 19.09 -9.66
N ALA A 477 -18.59 18.60 -10.38
CA ALA A 477 -18.50 18.48 -11.82
C ALA A 477 -18.04 19.79 -12.46
N LYS A 478 -18.62 20.88 -11.99
CA LYS A 478 -18.36 22.24 -12.47
C LYS A 478 -16.93 22.73 -12.26
N LYS A 479 -16.36 22.38 -11.11
CA LYS A 479 -14.99 22.77 -10.79
C LYS A 479 -14.01 21.98 -11.66
N LEU A 480 -14.34 20.71 -11.88
CA LEU A 480 -13.53 19.81 -12.67
C LEU A 480 -13.37 20.34 -14.11
N MET A 481 -14.49 20.69 -14.75
CA MET A 481 -14.45 21.22 -16.12
C MET A 481 -13.58 22.47 -16.22
N ASP A 482 -13.69 23.34 -15.22
CA ASP A 482 -12.93 24.56 -15.19
C ASP A 482 -11.42 24.34 -15.26
N LEU A 483 -10.93 23.35 -14.52
CA LEU A 483 -9.49 23.10 -14.51
C LEU A 483 -9.03 22.17 -15.63
N TYR A 484 -9.93 21.30 -16.10
CA TYR A 484 -9.60 20.32 -17.15
C TYR A 484 -10.22 20.53 -18.55
N LYS A 485 -11.08 21.54 -18.68
CA LYS A 485 -11.76 21.87 -19.95
C LYS A 485 -12.54 20.73 -20.62
N THR A 486 -12.17 19.49 -20.32
CA THR A 486 -12.83 18.32 -20.90
C THR A 486 -12.62 17.10 -19.98
N PRO A 487 -13.66 16.27 -19.81
CA PRO A 487 -13.48 15.10 -18.94
C PRO A 487 -12.44 14.13 -19.50
N ASP A 488 -12.02 14.38 -20.75
CA ASP A 488 -11.03 13.54 -21.38
C ASP A 488 -9.68 13.72 -20.69
N ASN A 489 -9.43 14.92 -20.16
CA ASN A 489 -8.18 15.21 -19.50
C ASN A 489 -8.15 14.97 -17.99
N ILE A 490 -9.29 14.60 -17.41
CA ILE A 490 -9.34 14.35 -15.97
C ILE A 490 -8.42 13.18 -15.59
N ASP A 491 -7.47 13.45 -14.69
CA ASP A 491 -6.53 12.42 -14.25
C ASP A 491 -7.28 11.28 -13.55
N ILE A 492 -6.93 10.04 -13.91
CA ILE A 492 -7.57 8.86 -13.34
C ILE A 492 -7.72 8.85 -11.81
N TRP A 493 -6.70 9.29 -11.08
CA TRP A 493 -6.80 9.31 -9.62
C TRP A 493 -7.99 10.13 -9.13
N ILE A 494 -7.95 11.45 -9.27
CA ILE A 494 -9.08 12.27 -8.83
C ILE A 494 -10.30 11.92 -9.69
N GLY A 495 -10.07 11.34 -10.87
CA GLY A 495 -11.18 10.97 -11.72
C GLY A 495 -11.99 9.84 -11.09
N GLY A 496 -11.31 8.74 -10.77
CA GLY A 496 -11.98 7.61 -10.16
C GLY A 496 -12.54 7.82 -8.76
N ASN A 497 -11.94 8.71 -7.98
CA ASN A 497 -12.37 8.96 -6.61
C ASN A 497 -13.49 9.95 -6.42
N ALA A 498 -13.78 10.74 -7.44
CA ALA A 498 -14.85 11.72 -7.34
C ALA A 498 -16.20 11.07 -7.60
N GLU A 499 -16.20 9.85 -8.13
CA GLU A 499 -17.45 9.13 -8.39
C GLU A 499 -18.08 8.67 -7.06
N PRO A 500 -19.41 8.67 -6.98
CA PRO A 500 -20.03 8.24 -5.72
C PRO A 500 -19.86 6.74 -5.50
N MET A 501 -19.84 6.32 -4.24
CA MET A 501 -19.66 4.93 -3.88
C MET A 501 -20.82 4.03 -4.27
N VAL A 502 -20.48 2.77 -4.58
CA VAL A 502 -21.45 1.73 -4.96
C VAL A 502 -22.15 1.21 -3.73
N GLU A 503 -23.24 0.48 -3.93
CA GLU A 503 -24.12 -0.08 -2.90
C GLU A 503 -23.40 -0.88 -1.77
N ARG A 504 -23.23 -0.42 -0.54
CA ARG A 504 -22.52 -1.28 0.44
C ARG A 504 -21.01 -1.35 0.21
N GLY A 505 -20.45 -0.54 -0.71
CA GLY A 505 -19.00 -0.54 -0.89
C GLY A 505 -18.35 0.74 -0.41
N ARG A 506 -17.14 1.00 -0.87
CA ARG A 506 -16.41 2.21 -0.49
C ARG A 506 -15.70 2.86 -1.68
N VAL A 507 -16.08 2.46 -2.88
CA VAL A 507 -15.50 3.03 -4.10
C VAL A 507 -16.59 3.08 -5.18
N GLY A 508 -16.39 3.91 -6.19
CA GLY A 508 -17.38 4.04 -7.25
C GLY A 508 -17.32 2.91 -8.27
N PRO A 509 -18.14 2.98 -9.34
CA PRO A 509 -18.21 1.97 -10.38
C PRO A 509 -16.87 1.79 -11.08
N LEU A 510 -16.20 2.90 -11.39
CA LEU A 510 -14.91 2.83 -12.08
C LEU A 510 -13.82 2.15 -11.24
N LEU A 511 -13.60 2.63 -10.02
CA LEU A 511 -12.58 2.01 -9.18
C LEU A 511 -12.88 0.54 -8.85
N ALA A 512 -14.15 0.19 -8.64
CA ALA A 512 -14.51 -1.19 -8.35
C ALA A 512 -14.01 -2.13 -9.46
N CYS A 513 -14.20 -1.70 -10.71
CA CYS A 513 -13.79 -2.47 -11.89
C CYS A 513 -12.27 -2.62 -12.02
N LEU A 514 -11.57 -1.51 -11.89
CA LEU A 514 -10.11 -1.54 -11.98
C LEU A 514 -9.60 -2.38 -10.82
N LEU A 515 -10.18 -2.17 -9.64
CA LEU A 515 -9.82 -2.93 -8.46
C LEU A 515 -10.18 -4.41 -8.60
N GLY A 516 -11.46 -4.69 -8.80
CA GLY A 516 -11.92 -6.06 -8.96
C GLY A 516 -11.14 -6.86 -9.98
N ARG A 517 -10.87 -6.28 -11.14
CA ARG A 517 -10.11 -6.99 -12.18
C ARG A 517 -8.75 -7.43 -11.67
N GLN A 518 -7.96 -6.46 -11.21
CA GLN A 518 -6.62 -6.74 -10.69
C GLN A 518 -6.64 -7.84 -9.62
N PHE A 519 -7.60 -7.78 -8.71
CA PHE A 519 -7.71 -8.78 -7.64
C PHE A 519 -8.21 -10.14 -8.09
N GLN A 520 -8.94 -10.22 -9.20
CA GLN A 520 -9.40 -11.52 -9.69
C GLN A 520 -8.21 -12.18 -10.39
N GLN A 521 -7.31 -11.33 -10.86
CA GLN A 521 -6.11 -11.75 -11.58
C GLN A 521 -4.93 -12.23 -10.73
N ILE A 522 -4.73 -11.69 -9.54
CA ILE A 522 -3.62 -12.13 -8.72
C ILE A 522 -3.96 -13.41 -7.95
N ARG A 523 -5.25 -13.67 -7.81
CA ARG A 523 -5.74 -14.87 -7.12
C ARG A 523 -5.77 -16.08 -8.08
N ASP A 524 -6.37 -15.91 -9.27
CA ASP A 524 -6.47 -17.00 -10.24
C ASP A 524 -5.15 -17.42 -10.86
N GLY A 525 -4.23 -16.45 -10.96
CA GLY A 525 -2.94 -16.70 -11.54
C GLY A 525 -1.85 -17.06 -10.55
N ASP A 526 -2.19 -17.18 -9.27
CA ASP A 526 -1.21 -17.54 -8.24
C ASP A 526 -1.16 -19.07 -8.09
N ARG A 527 -0.06 -19.69 -8.51
CA ARG A 527 0.02 -21.14 -8.39
C ARG A 527 0.03 -21.52 -6.92
N PHE A 528 0.24 -20.53 -6.05
CA PHE A 528 0.27 -20.80 -4.63
C PHE A 528 -0.89 -20.24 -3.82
N TRP A 529 -1.99 -19.90 -4.50
CA TRP A 529 -3.17 -19.41 -3.82
C TRP A 529 -3.45 -20.47 -2.75
N TRP A 530 -3.90 -20.05 -1.57
CA TRP A 530 -4.14 -21.01 -0.49
C TRP A 530 -5.21 -22.09 -0.77
N GLU A 531 -6.17 -21.77 -1.66
CA GLU A 531 -7.24 -22.71 -2.01
C GLU A 531 -6.90 -23.62 -3.19
N ASN A 532 -5.89 -23.25 -3.96
CA ASN A 532 -5.50 -24.07 -5.10
C ASN A 532 -5.14 -25.46 -4.60
N PRO A 533 -5.91 -26.49 -5.04
CA PRO A 533 -5.67 -27.87 -4.62
C PRO A 533 -4.21 -28.31 -4.52
N GLY A 534 -3.86 -28.90 -3.39
CA GLY A 534 -2.52 -29.41 -3.18
C GLY A 534 -1.49 -28.48 -2.55
N VAL A 535 -1.84 -27.21 -2.35
CA VAL A 535 -0.93 -26.24 -1.74
C VAL A 535 -0.88 -26.46 -0.23
N PHE A 536 -2.04 -26.76 0.36
CA PHE A 536 -2.23 -27.07 1.75
C PHE A 536 -3.09 -28.32 1.75
N THR A 537 -3.38 -28.89 2.92
CA THR A 537 -4.23 -30.08 2.93
C THR A 537 -5.66 -29.79 3.36
N GLU A 538 -6.61 -30.57 2.87
CA GLU A 538 -8.02 -30.42 3.23
C GLU A 538 -8.19 -30.14 4.71
N LYS A 539 -7.31 -30.69 5.53
CA LYS A 539 -7.42 -30.50 6.96
C LYS A 539 -6.82 -29.14 7.37
N GLN A 540 -5.71 -28.81 6.73
CA GLN A 540 -5.04 -27.53 6.97
C GLN A 540 -5.98 -26.39 6.65
N ARG A 541 -6.57 -26.41 5.45
CA ARG A 541 -7.49 -25.36 5.04
C ARG A 541 -8.61 -25.17 6.07
N ASP A 542 -9.05 -26.27 6.67
CA ASP A 542 -10.10 -26.18 7.67
C ASP A 542 -9.62 -25.32 8.84
N SER A 543 -8.33 -25.36 9.11
CA SER A 543 -7.72 -24.58 10.18
C SER A 543 -7.56 -23.12 9.76
N LEU A 544 -7.03 -22.92 8.56
CA LEU A 544 -6.79 -21.58 8.00
C LEU A 544 -8.09 -20.79 7.86
N GLN A 545 -9.13 -21.49 7.43
CA GLN A 545 -10.46 -20.89 7.29
C GLN A 545 -10.88 -20.20 8.60
N LYS A 546 -10.22 -20.52 9.72
CA LYS A 546 -10.63 -19.92 10.99
C LYS A 546 -9.84 -18.67 11.36
N PHE A 547 -8.84 -18.31 10.51
CA PHE A 547 -8.06 -17.07 10.83
C PHE A 547 -9.03 -15.89 11.04
N SER A 548 -8.57 -14.95 11.82
CA SER A 548 -9.31 -13.74 12.10
C SER A 548 -8.26 -12.71 12.58
N PHE A 549 -8.47 -11.43 12.30
CA PHE A 549 -7.50 -10.43 12.73
C PHE A 549 -7.58 -10.31 14.24
N SER A 550 -8.75 -10.63 14.80
CA SER A 550 -8.96 -10.58 16.23
C SER A 550 -7.96 -11.50 16.93
N ARG A 551 -7.88 -12.73 16.44
CA ARG A 551 -6.98 -13.72 16.99
C ARG A 551 -5.52 -13.23 16.89
N LEU A 552 -5.16 -12.68 15.73
CA LEU A 552 -3.82 -12.19 15.53
C LEU A 552 -3.47 -11.23 16.65
N ILE A 553 -4.41 -10.35 17.00
CA ILE A 553 -4.20 -9.38 18.06
C ILE A 553 -4.07 -10.07 19.41
N CYS A 554 -4.94 -11.05 19.65
CA CYS A 554 -4.91 -11.78 20.91
C CYS A 554 -3.60 -12.53 21.14
N ASP A 555 -3.09 -13.21 20.13
CA ASP A 555 -1.86 -13.98 20.27
C ASP A 555 -0.55 -13.20 20.14
N ASN A 556 -0.60 -11.91 19.83
CA ASN A 556 0.65 -11.17 19.67
C ASN A 556 0.76 -9.83 20.38
N THR A 557 -0.17 -9.56 21.30
CA THR A 557 -0.22 -8.35 22.11
C THR A 557 -0.99 -8.64 23.36
N HIS A 558 -1.03 -7.73 24.32
CA HIS A 558 -1.69 -8.07 25.57
C HIS A 558 -3.13 -7.59 25.68
N ILE A 559 -3.76 -7.31 24.54
CA ILE A 559 -5.14 -6.89 24.55
C ILE A 559 -5.88 -8.18 24.93
N THR A 560 -6.96 -8.07 25.68
CA THR A 560 -7.72 -9.25 26.08
C THR A 560 -9.16 -9.16 25.60
N LYS A 561 -9.58 -7.95 25.22
CA LYS A 561 -10.92 -7.72 24.72
C LYS A 561 -10.80 -7.10 23.32
N VAL A 562 -11.34 -7.82 22.33
CA VAL A 562 -11.29 -7.41 20.94
C VAL A 562 -12.61 -7.69 20.22
N PRO A 563 -12.90 -6.93 19.16
CA PRO A 563 -14.14 -7.10 18.38
C PRO A 563 -14.08 -8.39 17.58
N LEU A 564 -15.24 -8.98 17.31
CA LEU A 564 -15.30 -10.22 16.56
C LEU A 564 -15.25 -10.00 15.06
N HIS A 565 -15.44 -8.74 14.66
CA HIS A 565 -15.40 -8.32 13.26
C HIS A 565 -14.66 -6.99 13.28
N ALA A 566 -13.34 -7.06 13.32
CA ALA A 566 -12.48 -5.89 13.40
C ALA A 566 -12.63 -4.80 12.36
N PHE A 567 -13.04 -5.15 11.15
CA PHE A 567 -13.16 -4.14 10.10
C PHE A 567 -14.36 -3.22 10.19
N GLN A 568 -15.40 -3.60 10.93
CA GLN A 568 -16.56 -2.73 11.05
C GLN A 568 -16.44 -1.86 12.29
N ALA A 569 -17.32 -0.88 12.41
CA ALA A 569 -17.30 0.02 13.56
C ALA A 569 -17.73 -0.72 14.83
N ASN A 570 -16.82 -0.78 15.80
CA ASN A 570 -17.07 -1.48 17.06
C ASN A 570 -17.01 -0.59 18.29
N ASN A 571 -18.14 -0.47 18.98
CA ASN A 571 -18.20 0.34 20.18
C ASN A 571 -17.81 -0.47 21.41
N TYR A 572 -17.00 0.12 22.26
CA TYR A 572 -16.60 -0.55 23.49
C TYR A 572 -17.52 -0.09 24.61
N PRO A 573 -17.97 -1.03 25.47
CA PRO A 573 -17.64 -2.45 25.38
C PRO A 573 -18.68 -3.44 24.86
N HIS A 574 -19.86 -2.98 24.41
CA HIS A 574 -20.87 -3.93 23.91
C HIS A 574 -20.26 -4.90 22.90
N ASP A 575 -19.73 -4.36 21.81
CA ASP A 575 -19.15 -5.15 20.74
C ASP A 575 -17.88 -5.90 21.05
N PHE A 576 -17.28 -5.66 22.22
CA PHE A 576 -16.04 -6.34 22.56
C PHE A 576 -16.24 -7.57 23.44
N VAL A 577 -15.73 -8.70 22.97
CA VAL A 577 -15.80 -9.97 23.69
C VAL A 577 -14.39 -10.30 24.16
N ASP A 578 -14.23 -11.36 24.94
CA ASP A 578 -12.92 -11.74 25.45
C ASP A 578 -12.19 -12.71 24.52
N CYS A 579 -10.87 -12.57 24.43
CA CYS A 579 -10.08 -13.41 23.55
C CYS A 579 -10.43 -14.88 23.58
N SER A 580 -11.04 -15.31 24.67
CA SER A 580 -11.43 -16.71 24.82
C SER A 580 -12.51 -17.11 23.82
N THR A 581 -13.26 -16.13 23.33
CA THR A 581 -14.34 -16.40 22.39
C THR A 581 -13.97 -16.19 20.93
N VAL A 582 -12.69 -16.06 20.66
CA VAL A 582 -12.28 -15.89 19.27
C VAL A 582 -11.51 -17.13 18.85
N ASP A 583 -11.93 -17.73 17.75
CA ASP A 583 -11.31 -18.96 17.24
C ASP A 583 -9.79 -18.91 17.13
N LYS A 584 -9.16 -19.93 17.69
CA LYS A 584 -7.71 -20.05 17.62
C LYS A 584 -7.31 -20.81 16.36
N LEU A 585 -6.09 -20.59 15.90
CA LEU A 585 -5.57 -21.27 14.73
C LEU A 585 -5.08 -22.66 15.14
N ASP A 586 -5.84 -23.69 14.81
CA ASP A 586 -5.45 -25.06 15.15
C ASP A 586 -4.31 -25.52 14.24
N LEU A 587 -3.10 -25.61 14.79
CA LEU A 587 -1.92 -26.03 14.04
C LEU A 587 -1.66 -27.53 14.09
N SER A 588 -2.61 -28.30 14.60
CA SER A 588 -2.44 -29.74 14.68
C SER A 588 -2.30 -30.43 13.31
N PRO A 589 -3.07 -29.98 12.30
CA PRO A 589 -2.97 -30.59 10.97
C PRO A 589 -1.59 -30.47 10.31
N TRP A 590 -0.68 -29.77 10.99
CA TRP A 590 0.68 -29.57 10.49
C TRP A 590 1.66 -30.54 11.14
N ALA A 591 1.17 -31.45 11.98
CA ALA A 591 2.04 -32.40 12.65
C ALA A 591 2.61 -33.37 11.62
N SER A 592 3.77 -33.96 11.92
CA SER A 592 4.38 -34.88 10.97
C SER A 592 5.15 -36.05 11.60
N ARG A 593 4.88 -37.25 11.11
CA ARG A 593 5.56 -38.46 11.58
C ARG A 593 6.16 -39.20 10.37
N GLU A 594 7.45 -39.53 10.51
CA GLU A 594 8.27 -40.16 9.48
C GLU A 594 8.04 -41.60 8.98
N ASN A 595 8.09 -42.57 9.89
CA ASN A 595 7.93 -43.99 9.53
C ASN A 595 6.99 -44.28 8.36
C1 NAG B . -21.44 -2.55 8.82
C2 NAG B . -22.93 -2.67 8.61
C3 NAG B . -23.36 -4.09 8.95
C4 NAG B . -22.72 -4.96 7.89
C5 NAG B . -21.21 -4.85 8.09
C6 NAG B . -20.40 -5.68 7.10
C7 NAG B . -24.56 -0.91 8.72
C8 NAG B . -25.38 0.06 9.56
N2 NAG B . -23.71 -1.70 9.36
O3 NAG B . -24.78 -4.18 8.90
O4 NAG B . -23.18 -6.33 8.03
O5 NAG B . -20.76 -3.47 7.94
O6 NAG B . -20.90 -5.54 5.78
O7 NAG B . -24.69 -0.91 7.47
C1 NAG B . -22.94 -7.20 6.98
C2 NAG B . -22.88 -8.64 7.52
C3 NAG B . -23.50 -9.77 6.64
C4 NAG B . -24.17 -9.33 5.32
C5 NAG B . -23.79 -7.91 4.89
C6 NAG B . -24.68 -7.41 3.77
C7 NAG B . -21.11 -9.15 9.05
C8 NAG B . -19.65 -9.57 9.29
N2 NAG B . -21.51 -9.01 7.79
O3 NAG B . -24.45 -10.47 7.42
O4 NAG B . -23.82 -10.23 4.28
O5 NAG B . -23.98 -7.03 6.01
O6 NAG B . -23.93 -7.15 2.59
O7 NAG B . -21.84 -8.95 10.01
C1 NAG C . 18.24 -15.39 17.50
C2 NAG C . 18.16 -13.99 18.07
C3 NAG C . 18.77 -13.92 19.48
C4 NAG C . 18.15 -14.95 20.42
C5 NAG C . 18.24 -16.33 19.75
C6 NAG C . 17.54 -17.43 20.53
C7 NAG C . 18.18 -12.02 16.70
C8 NAG C . 18.97 -11.06 15.80
N2 NAG C . 18.83 -13.04 17.20
O3 NAG C . 18.55 -12.63 20.02
O4 NAG C . 18.82 -14.92 21.70
O5 NAG C . 17.61 -16.30 18.42
O6 NAG C . 17.27 -18.55 19.70
O7 NAG C . 16.98 -11.80 16.90
C1 NAG C . 18.00 -15.25 22.76
C2 NAG C . 18.75 -15.86 23.96
C3 NAG C . 18.81 -15.02 25.23
C4 NAG C . 17.53 -14.22 25.47
C5 NAG C . 17.03 -13.45 24.24
C6 NAG C . 17.57 -12.07 23.91
C7 NAG C . 18.64 -18.23 23.69
C8 NAG C . 17.94 -19.56 23.96
N2 NAG C . 18.13 -17.14 24.25
O3 NAG C . 19.94 -14.15 25.21
O4 NAG C . 16.50 -15.06 25.95
O5 NAG C . 16.99 -14.24 23.01
O6 NAG C . 18.94 -11.91 24.26
O7 NAG C . 19.66 -18.22 22.98
C1 NAG D . 11.56 13.88 21.53
C2 NAG D . 10.40 14.81 21.91
C3 NAG D . 10.24 14.97 23.44
C4 NAG D . 10.36 13.64 24.22
C5 NAG D . 11.57 12.86 23.72
C6 NAG D . 11.75 11.50 24.36
C7 NAG D . 9.75 16.46 20.28
C8 NAG D . 9.92 17.84 19.67
N2 NAG D . 10.55 16.10 21.28
O3 NAG D . 8.96 15.54 23.69
O4 NAG D . 10.47 13.90 25.65
O5 NAG D . 11.48 12.66 22.29
O6 NAG D . 12.71 10.74 23.65
O7 NAG D . 8.91 15.68 19.81
C1 NAG D . 9.84 13.01 26.52
C2 NAG D . 10.45 13.01 27.95
C3 NAG D . 9.43 12.35 28.90
C4 NAG D . 8.20 13.21 29.04
C5 NAG D . 8.00 14.06 27.79
C6 NAG D . 8.70 15.40 27.83
C7 NAG D . 12.83 12.88 27.58
C8 NAG D . 14.09 12.01 27.62
N2 NAG D . 11.70 12.30 27.96
O3 NAG D . 9.98 12.09 30.19
O4 NAG D . 7.06 12.33 29.23
O5 NAG D . 8.42 13.36 26.58
O6 NAG D . 8.05 16.35 26.99
O7 NAG D . 12.90 14.07 27.22
C1 MAN D . 6.17 12.49 30.30
C2 MAN D . 6.15 13.93 30.87
C3 MAN D . 6.75 14.16 32.28
C4 MAN D . 7.00 12.90 33.10
C5 MAN D . 7.42 11.72 32.22
C6 MAN D . 7.59 10.48 33.06
O2 MAN D . 4.82 14.42 30.85
O3 MAN D . 5.87 14.99 33.02
O4 MAN D . 8.03 13.15 34.06
O5 MAN D . 6.36 11.45 31.28
O6 MAN D . 6.34 9.95 33.46
C1 NAG E . -8.28 -19.21 -18.15
C2 NAG E . -9.68 -19.68 -18.53
C3 NAG E . -10.37 -18.92 -19.72
C4 NAG E . -9.65 -17.71 -20.32
C5 NAG E . -8.21 -17.55 -19.81
C6 NAG E . -7.70 -16.13 -19.97
C7 NAG E . -10.42 -21.96 -18.24
C8 NAG E . -10.26 -23.44 -18.58
N2 NAG E . -9.61 -21.10 -18.85
O3 NAG E . -11.66 -18.51 -19.31
O4 NAG E . -9.69 -17.76 -21.78
O5 NAG E . -8.15 -17.83 -18.42
O6 NAG E . -8.64 -15.21 -19.43
O7 NAG E . -11.28 -21.59 -17.43
C1 NAG E . -10.50 -16.81 -22.43
C2 NAG E . -9.89 -16.27 -23.76
C3 NAG E . -11.05 -15.84 -24.66
C4 NAG E . -11.91 -16.95 -25.08
C5 NAG E . -12.24 -17.89 -23.89
C6 NAG E . -11.73 -19.32 -23.98
C7 NAG E . -7.78 -15.24 -23.09
C8 NAG E . -7.07 -13.89 -22.95
N2 NAG E . -9.04 -15.14 -23.51
O3 NAG E . -10.61 -15.10 -25.80
O4 NAG E . -13.08 -16.34 -25.68
O5 NAG E . -11.87 -17.32 -22.58
O6 NAG E . -12.70 -20.25 -23.49
O7 NAG E . -7.15 -16.33 -22.88
C1 BMA E . -14.28 -16.30 -24.99
C2 BMA E . -14.97 -14.91 -25.15
C3 BMA E . -16.43 -15.11 -25.55
C4 BMA E . -16.51 -15.88 -26.87
C5 BMA E . -15.65 -17.15 -26.82
C6 BMA E . -14.51 -17.17 -27.84
O2 BMA E . -14.30 -14.14 -26.16
O3 BMA E . -17.08 -13.84 -25.68
O4 BMA E . -17.89 -16.24 -27.14
O5 BMA E . -15.10 -17.37 -25.49
O6 BMA E . -13.90 -18.46 -27.90
C1 MAN E . -18.52 -15.61 -28.21
C2 MAN E . -18.30 -16.42 -29.49
C3 MAN E . -18.75 -15.61 -30.71
C4 MAN E . -19.49 -14.35 -30.28
C5 MAN E . -18.58 -13.49 -29.41
C6 MAN E . -19.26 -12.31 -28.77
O2 MAN E . -19.04 -17.63 -29.42
O3 MAN E . -19.59 -16.42 -31.53
O4 MAN E . -19.90 -13.59 -31.42
O5 MAN E . -17.99 -14.28 -28.34
O6 MAN E . -18.62 -11.09 -29.12
CHA HEM F . 1.60 5.87 -2.39
CHB HEM F . 1.82 8.12 1.89
CHC HEM F . -1.93 5.39 3.14
CHD HEM F . -2.18 3.15 -1.03
C1A HEM F . 2.05 6.70 -1.37
C2A HEM F . 3.22 7.60 -1.41
C3A HEM F . 3.24 8.19 -0.21
C4A HEM F . 2.11 7.72 0.60
CMA HEM F . 4.25 9.24 0.28
CAA HEM F . 4.23 7.88 -2.56
CBA HEM F . 3.53 8.54 -3.76
CGA HEM F . 4.46 8.87 -4.90
O1A HEM F . 5.60 9.31 -4.69
O2A HEM F . 4.09 8.67 -6.07
C1B HEM F . 0.87 7.54 2.65
C2B HEM F . 0.66 7.67 4.08
C3B HEM F . -0.36 6.86 4.38
C4B HEM F . -0.84 6.21 3.17
CMB HEM F . 1.39 8.46 5.15
CAB HEM F . -0.94 6.69 5.79
CBB HEM F . -1.44 7.83 6.28
C1C HEM F . -2.40 4.60 2.13
C2C HEM F . -3.61 3.76 2.14
C3C HEM F . -3.64 3.11 0.94
C4C HEM F . -2.51 3.56 0.20
CMC HEM F . -4.62 3.67 3.31
CAC HEM F . -4.66 2.15 0.33
CBC HEM F . -5.58 1.52 1.06
C1D HEM F . -1.09 3.59 -1.70
C2D HEM F . -0.62 2.94 -2.86
C3D HEM F . 0.55 3.75 -3.33
C4D HEM F . 0.64 4.85 -2.36
CMD HEM F . -1.23 1.70 -3.50
CAD HEM F . 1.43 3.44 -4.60
CBD HEM F . 2.55 2.45 -4.28
CGD HEM F . 3.47 2.27 -5.46
O1D HEM F . 3.23 1.38 -6.31
O2D HEM F . 4.50 2.97 -5.55
NA HEM F . 1.41 6.79 -0.13
NB HEM F . -0.07 6.66 2.10
NC HEM F . -1.76 4.46 0.91
ND HEM F . -0.35 4.70 -1.41
FE HEM F . -0.22 5.74 0.34
S SCN G . 19.80 -5.00 2.28
C SCN G . 21.24 -6.04 2.25
N SCN G . 22.14 -6.73 2.21
S SCN H . 4.87 5.27 1.55
C SCN H . 6.36 6.23 1.64
N SCN H . 7.32 6.81 1.75
CA CA I . 3.81 -9.30 -2.78
C CYN J . 0.91 4.41 1.03
N CYN J . 1.76 3.91 1.57
I IOD K . -5.09 27.85 -5.75
I IOD L . -22.18 -0.53 4.57
I IOD M . 18.36 -3.70 16.58
I IOD N . -10.82 -16.54 0.75
I IOD O . -7.46 -4.52 26.95
I IOD P . -2.14 0.57 -17.27
I IOD Q . -22.62 13.73 -22.37
#